data_3DOP
#
_entry.id   3DOP
#
_cell.length_a   49.872
_cell.length_b   109.495
_cell.length_c   129.199
_cell.angle_alpha   90.00
_cell.angle_beta   90.00
_cell.angle_gamma   90.00
#
_symmetry.space_group_name_H-M   'P 21 21 21'
#
loop_
_entity.id
_entity.type
_entity.pdbx_description
1 polymer '3-oxo-5-beta-steroid 4-dehydrogenase'
2 non-polymer 'NADP NICOTINAMIDE-ADENINE-DINUCLEOTIDE PHOSPHATE'
3 non-polymer 5-beta-DIHYDROTESTOSTERONE
4 water water
#
_entity_poly.entity_id   1
_entity_poly.type   'polypeptide(L)'
_entity_poly.pdbx_seq_one_letter_code
;MGSSHHHHHHSSGLVPRGSHMDLSAASHRIPLSDGNSIPIIGLGTYSEPKSTPKGACATSVKVAIDTGYRHIDGAYIYQN
EHEVGEAIREKIAEGKVRREDIFYCGKLWATNHVPEMVRPTLERTLRVLQLDYVDLYIIEVPMAFKPGDEIYPRDENGKW
LYHKSNLCATWEAMEACKDAGLVKSLGVSNFNRRQLELILNKPGLKHKPVSNQVECHPYFTQPKLLKFCQQHDIVITAYS
PLGTSRNPIWVNVSSPPLLKDALLNSLGKRYNKTAAQIVLRFNIQRGVVVIPKSFNLERIKENFQIFDFSLTEEEMKDIE
ALNKNVRFVELLMWRDHPEYPFHDEY
;
_entity_poly.pdbx_strand_id   A,B
#
loop_
_chem_comp.id
_chem_comp.type
_chem_comp.name
_chem_comp.formula
BDT non-polymer 5-beta-DIHYDROTESTOSTERONE 'C19 H30 O2'
NAP non-polymer 'NADP NICOTINAMIDE-ADENINE-DINUCLEOTIDE PHOSPHATE' 'C21 H28 N7 O17 P3'
#
# COMPACT_ATOMS: atom_id res chain seq x y z
N ASP A 22 -5.47 -18.90 24.19
CA ASP A 22 -5.71 -18.39 22.81
C ASP A 22 -4.38 -18.03 22.14
N LEU A 23 -3.53 -17.33 22.87
CA LEU A 23 -2.22 -16.93 22.35
C LEU A 23 -1.23 -18.07 22.54
N SER A 24 -0.51 -18.40 21.48
CA SER A 24 0.48 -19.48 21.52
C SER A 24 1.78 -19.02 20.87
N ALA A 25 2.86 -19.76 21.11
CA ALA A 25 4.16 -19.43 20.54
C ALA A 25 4.09 -19.36 19.02
N ALA A 26 3.34 -20.27 18.43
CA ALA A 26 3.20 -20.35 16.99
C ALA A 26 2.17 -19.38 16.42
N SER A 27 1.28 -18.85 17.27
CA SER A 27 0.25 -17.93 16.79
C SER A 27 -0.21 -16.95 17.87
N HIS A 28 0.33 -15.73 17.84
CA HIS A 28 -0.04 -14.72 18.83
C HIS A 28 -0.24 -13.33 18.25
N ARG A 29 -0.81 -13.25 17.05
CA ARG A 29 -1.06 -11.98 16.41
C ARG A 29 -2.42 -11.44 16.82
N ILE A 30 -2.49 -10.17 17.17
CA ILE A 30 -3.78 -9.58 17.53
C ILE A 30 -4.17 -8.54 16.49
N PRO A 31 -5.48 -8.44 16.22
CA PRO A 31 -6.03 -7.49 15.24
C PRO A 31 -5.78 -6.01 15.45
N LEU A 32 -5.56 -5.31 14.34
CA LEU A 32 -5.37 -3.86 14.34
C LEU A 32 -6.65 -3.35 13.65
N SER A 33 -7.06 -2.12 13.93
CA SER A 33 -8.29 -1.60 13.36
C SER A 33 -8.36 -1.47 11.83
N ASP A 34 -7.23 -1.58 11.15
CA ASP A 34 -7.22 -1.46 9.69
C ASP A 34 -7.26 -2.80 8.97
N GLY A 35 -7.55 -3.87 9.71
CA GLY A 35 -7.62 -5.18 9.10
C GLY A 35 -6.33 -5.95 9.15
N ASN A 36 -5.25 -5.30 9.57
CA ASN A 36 -3.96 -5.97 9.68
C ASN A 36 -3.87 -6.58 11.08
N SER A 37 -2.74 -7.20 11.40
CA SER A 37 -2.54 -7.80 12.72
C SER A 37 -1.11 -7.58 13.18
N ILE A 38 -0.88 -7.65 14.49
CA ILE A 38 0.45 -7.44 15.03
C ILE A 38 0.82 -8.48 16.10
N PRO A 39 2.00 -9.10 15.96
CA PRO A 39 2.45 -10.12 16.94
C PRO A 39 2.49 -9.45 18.31
N ILE A 40 1.85 -10.08 19.30
CA ILE A 40 1.77 -9.51 20.64
C ILE A 40 3.11 -9.33 21.35
N ILE A 41 4.14 -10.02 20.86
CA ILE A 41 5.47 -9.83 21.42
C ILE A 41 6.40 -9.53 20.25
N GLY A 42 7.36 -8.66 20.49
CA GLY A 42 8.32 -8.31 19.45
C GLY A 42 9.65 -8.03 20.09
N LEU A 43 10.71 -8.00 19.29
CA LEU A 43 12.05 -7.73 19.78
C LEU A 43 12.41 -6.24 19.63
N GLY A 44 12.70 -5.59 20.75
CA GLY A 44 13.10 -4.19 20.72
C GLY A 44 14.54 -4.22 20.26
N THR A 45 14.98 -3.18 19.56
CA THR A 45 16.34 -3.16 19.06
C THR A 45 17.18 -1.94 19.42
N TYR A 46 16.72 -1.12 20.35
CA TYR A 46 17.54 0.02 20.71
C TYR A 46 18.69 -0.45 21.61
N SER A 47 19.88 0.06 21.33
CA SER A 47 21.06 -0.27 22.11
C SER A 47 22.07 0.86 22.01
N GLU A 48 22.59 1.28 23.16
CA GLU A 48 23.57 2.37 23.20
C GLU A 48 24.67 2.15 22.18
N PRO A 49 24.75 3.02 21.16
CA PRO A 49 25.75 2.93 20.09
C PRO A 49 27.20 2.68 20.54
N LYS A 50 27.69 3.48 21.48
CA LYS A 50 29.08 3.33 21.92
C LYS A 50 29.42 2.06 22.71
N SER A 51 28.43 1.44 23.35
CA SER A 51 28.71 0.23 24.12
C SER A 51 28.03 -1.00 23.55
N THR A 52 27.89 -1.05 22.22
CA THR A 52 27.26 -2.19 21.56
C THR A 52 28.09 -2.65 20.37
N PRO A 53 28.55 -3.92 20.41
CA PRO A 53 29.36 -4.44 19.30
C PRO A 53 28.59 -4.39 17.98
N LYS A 54 29.30 -4.13 16.89
CA LYS A 54 28.66 -4.09 15.58
C LYS A 54 28.22 -5.52 15.27
N GLY A 55 27.07 -5.66 14.62
CA GLY A 55 26.57 -6.98 14.30
C GLY A 55 25.74 -7.62 15.40
N ALA A 56 25.72 -7.01 16.59
CA ALA A 56 24.96 -7.53 17.72
C ALA A 56 23.46 -7.50 17.46
N CYS A 57 22.98 -6.41 16.86
CA CYS A 57 21.56 -6.29 16.55
C CYS A 57 21.16 -7.32 15.49
N ALA A 58 21.99 -7.47 14.46
CA ALA A 58 21.71 -8.44 13.40
C ALA A 58 21.63 -9.86 13.96
N THR A 59 22.62 -10.22 14.79
CA THR A 59 22.65 -11.55 15.39
C THR A 59 21.40 -11.81 16.23
N SER A 60 21.05 -10.83 17.05
CA SER A 60 19.89 -10.93 17.92
C SER A 60 18.58 -11.05 17.15
N VAL A 61 18.42 -10.26 16.11
CA VAL A 61 17.21 -10.31 15.30
C VAL A 61 17.12 -11.72 14.70
N LYS A 62 18.26 -12.24 14.24
CA LYS A 62 18.28 -13.59 13.68
C LYS A 62 17.92 -14.63 14.73
N VAL A 63 18.46 -14.48 15.94
CA VAL A 63 18.17 -15.42 17.02
C VAL A 63 16.69 -15.31 17.41
N ALA A 64 16.20 -14.07 17.49
CA ALA A 64 14.81 -13.83 17.84
C ALA A 64 13.90 -14.58 16.86
N ILE A 65 14.13 -14.40 15.57
CA ILE A 65 13.31 -15.06 14.55
C ILE A 65 13.39 -16.59 14.68
N ASP A 66 14.58 -17.13 14.93
CA ASP A 66 14.70 -18.59 15.09
C ASP A 66 13.92 -19.04 16.32
N THR A 67 13.91 -18.22 17.36
CA THR A 67 13.20 -18.53 18.59
C THR A 67 11.69 -18.53 18.39
N GLY A 68 11.21 -17.65 17.52
CA GLY A 68 9.78 -17.59 17.27
C GLY A 68 9.22 -16.18 17.16
N TYR A 69 10.07 -15.16 17.39
CA TYR A 69 9.59 -13.79 17.27
C TYR A 69 9.25 -13.53 15.81
N ARG A 70 8.17 -12.80 15.58
CA ARG A 70 7.76 -12.46 14.22
C ARG A 70 7.51 -10.96 14.13
N HIS A 71 7.91 -10.25 15.17
CA HIS A 71 7.75 -8.81 15.26
C HIS A 71 9.07 -8.21 15.72
N ILE A 72 9.54 -7.20 15.01
CA ILE A 72 10.80 -6.52 15.34
C ILE A 72 10.50 -5.01 15.40
N ASP A 73 10.90 -4.37 16.50
CA ASP A 73 10.70 -2.92 16.64
C ASP A 73 12.02 -2.21 16.52
N GLY A 74 12.11 -1.25 15.62
CA GLY A 74 13.35 -0.51 15.46
C GLY A 74 13.11 0.93 15.06
N ALA A 75 14.19 1.62 14.69
CA ALA A 75 14.09 3.02 14.28
C ALA A 75 15.40 3.45 13.65
N TYR A 76 15.31 4.26 12.60
CA TYR A 76 16.50 4.72 11.92
C TYR A 76 17.49 5.38 12.89
N ILE A 77 16.97 6.14 13.86
CA ILE A 77 17.85 6.84 14.79
C ILE A 77 18.56 5.92 15.78
N TYR A 78 18.21 4.63 15.78
CA TYR A 78 18.87 3.67 16.67
C TYR A 78 20.24 3.36 16.06
N GLN A 79 20.43 3.79 14.81
CA GLN A 79 21.69 3.61 14.08
C GLN A 79 22.04 2.17 13.69
N ASN A 80 21.07 1.26 13.79
CA ASN A 80 21.31 -0.13 13.45
C ASN A 80 20.22 -0.69 12.55
N GLU A 81 19.46 0.20 11.92
CA GLU A 81 18.38 -0.26 11.06
C GLU A 81 18.91 -1.10 9.89
N HIS A 82 20.17 -0.88 9.50
CA HIS A 82 20.74 -1.68 8.42
C HIS A 82 20.97 -3.11 8.91
N GLU A 83 21.30 -3.25 10.19
CA GLU A 83 21.53 -4.58 10.77
C GLU A 83 20.21 -5.34 10.87
N VAL A 84 19.15 -4.62 11.20
CA VAL A 84 17.82 -5.21 11.29
C VAL A 84 17.42 -5.77 9.92
N GLY A 85 17.61 -4.96 8.88
CA GLY A 85 17.29 -5.39 7.53
C GLY A 85 18.13 -6.59 7.09
N GLU A 86 19.41 -6.59 7.45
CA GLU A 86 20.31 -7.67 7.09
C GLU A 86 19.80 -9.00 7.65
N ALA A 87 19.32 -8.96 8.90
CA ALA A 87 18.83 -10.17 9.54
C ALA A 87 17.51 -10.66 8.95
N ILE A 88 16.56 -9.75 8.77
CA ILE A 88 15.27 -10.12 8.22
C ILE A 88 15.44 -10.70 6.81
N ARG A 89 16.26 -10.05 5.99
CA ARG A 89 16.47 -10.53 4.64
C ARG A 89 17.13 -11.90 4.60
N GLU A 90 18.07 -12.15 5.50
CA GLU A 90 18.74 -13.45 5.53
C GLU A 90 17.75 -14.53 5.92
N LYS A 91 16.90 -14.24 6.89
CA LYS A 91 15.90 -15.20 7.34
C LYS A 91 14.86 -15.46 6.24
N ILE A 92 14.60 -14.44 5.43
CA ILE A 92 13.65 -14.60 4.33
C ILE A 92 14.38 -15.39 3.23
N ALA A 93 15.63 -15.02 3.00
CA ALA A 93 16.43 -15.67 1.98
C ALA A 93 16.52 -17.18 2.17
N GLU A 94 16.74 -17.63 3.41
CA GLU A 94 16.86 -19.05 3.67
C GLU A 94 15.52 -19.76 3.78
N GLY A 95 14.43 -19.00 3.73
CA GLY A 95 13.11 -19.60 3.81
C GLY A 95 12.58 -19.85 5.21
N LYS A 96 13.19 -19.24 6.21
CA LYS A 96 12.74 -19.41 7.60
C LYS A 96 11.38 -18.73 7.76
N VAL A 97 11.20 -17.65 7.01
CA VAL A 97 9.95 -16.89 7.02
C VAL A 97 9.78 -16.21 5.68
N ARG A 98 8.55 -15.83 5.37
CA ARG A 98 8.26 -15.08 4.15
C ARG A 98 8.18 -13.64 4.64
N ARG A 99 8.29 -12.66 3.74
CA ARG A 99 8.20 -11.26 4.16
C ARG A 99 6.89 -11.03 4.94
N GLU A 100 5.80 -11.61 4.45
CA GLU A 100 4.49 -11.43 5.08
C GLU A 100 4.43 -11.94 6.53
N ASP A 101 5.28 -12.88 6.89
CA ASP A 101 5.26 -13.41 8.27
C ASP A 101 6.01 -12.50 9.23
N ILE A 102 6.74 -11.53 8.71
CA ILE A 102 7.52 -10.63 9.54
C ILE A 102 6.82 -9.29 9.70
N PHE A 103 6.85 -8.76 10.92
CA PHE A 103 6.23 -7.47 11.22
C PHE A 103 7.31 -6.51 11.70
N TYR A 104 7.64 -5.51 10.89
CA TYR A 104 8.66 -4.55 11.29
C TYR A 104 8.06 -3.17 11.50
N CYS A 105 8.40 -2.55 12.62
CA CYS A 105 7.92 -1.22 12.93
C CYS A 105 9.06 -0.20 12.89
N GLY A 106 8.90 0.83 12.06
CA GLY A 106 9.90 1.88 11.98
C GLY A 106 9.34 3.16 12.60
N LYS A 107 10.17 4.20 12.79
CA LYS A 107 9.69 5.44 13.43
C LYS A 107 10.18 6.74 12.78
N LEU A 108 9.30 7.74 12.75
CA LEU A 108 9.60 9.05 12.17
C LEU A 108 10.04 10.02 13.29
N TRP A 109 11.34 10.31 13.34
CA TRP A 109 11.88 11.20 14.37
C TRP A 109 11.46 12.67 14.26
N ALA A 110 11.58 13.38 15.38
CA ALA A 110 11.21 14.79 15.53
C ALA A 110 11.73 15.76 14.47
N THR A 111 12.91 15.51 13.93
CA THR A 111 13.48 16.41 12.94
C THR A 111 13.00 16.13 11.52
N ASN A 112 12.01 15.25 11.39
CA ASN A 112 11.49 14.86 10.09
C ASN A 112 9.97 14.98 10.01
N HIS A 113 9.40 15.91 10.78
CA HIS A 113 7.95 16.09 10.81
C HIS A 113 7.40 17.03 9.74
N VAL A 114 8.26 17.80 9.09
CA VAL A 114 7.79 18.69 8.02
C VAL A 114 7.13 17.73 7.02
N PRO A 115 5.89 18.03 6.60
CA PRO A 115 5.17 17.18 5.65
C PRO A 115 5.98 16.68 4.46
N GLU A 116 6.71 17.59 3.82
CA GLU A 116 7.51 17.27 2.65
C GLU A 116 8.64 16.29 2.94
N MET A 117 9.00 16.15 4.20
CA MET A 117 10.09 15.26 4.58
C MET A 117 9.65 13.87 5.04
N VAL A 118 8.37 13.72 5.34
CA VAL A 118 7.85 12.44 5.82
C VAL A 118 8.12 11.27 4.85
N ARG A 119 7.68 11.40 3.60
CA ARG A 119 7.90 10.30 2.66
C ARG A 119 9.39 10.04 2.40
N PRO A 120 10.18 11.09 2.15
CA PRO A 120 11.61 10.86 1.92
C PRO A 120 12.26 10.19 3.13
N THR A 121 11.73 10.45 4.32
CA THR A 121 12.29 9.86 5.53
C THR A 121 11.95 8.37 5.59
N LEU A 122 10.71 8.02 5.23
CA LEU A 122 10.31 6.62 5.22
C LEU A 122 11.09 5.88 4.15
N GLU A 123 11.22 6.50 2.97
CA GLU A 123 11.95 5.87 1.88
C GLU A 123 13.39 5.56 2.26
N ARG A 124 14.01 6.44 3.04
CA ARG A 124 15.38 6.22 3.47
C ARG A 124 15.44 4.92 4.29
N THR A 125 14.46 4.74 5.17
CA THR A 125 14.40 3.54 6.00
C THR A 125 14.18 2.28 5.16
N LEU A 126 13.36 2.37 4.12
CA LEU A 126 13.09 1.22 3.27
C LEU A 126 14.38 0.86 2.53
N ARG A 127 15.17 1.89 2.20
CA ARG A 127 16.44 1.71 1.52
C ARG A 127 17.46 1.12 2.47
N VAL A 128 17.42 1.53 3.74
CA VAL A 128 18.36 1.02 4.74
C VAL A 128 18.05 -0.45 5.00
N LEU A 129 16.77 -0.76 5.15
CA LEU A 129 16.32 -2.13 5.38
C LEU A 129 16.44 -2.96 4.11
N GLN A 130 16.32 -2.28 2.97
CA GLN A 130 16.33 -2.92 1.67
C GLN A 130 15.08 -3.79 1.58
N LEU A 131 13.95 -3.18 1.96
CA LEU A 131 12.64 -3.83 1.93
C LEU A 131 11.66 -2.91 1.19
N ASP A 132 10.59 -3.47 0.63
CA ASP A 132 9.61 -2.68 -0.13
C ASP A 132 8.65 -1.88 0.72
N TYR A 133 8.48 -2.27 1.97
CA TYR A 133 7.56 -1.58 2.88
C TYR A 133 7.82 -2.00 4.31
N VAL A 134 7.29 -1.22 5.26
CA VAL A 134 7.40 -1.56 6.67
C VAL A 134 5.97 -1.89 7.09
N ASP A 135 5.81 -2.71 8.12
CA ASP A 135 4.47 -3.09 8.56
C ASP A 135 3.78 -1.98 9.36
N LEU A 136 4.56 -1.23 10.13
CA LEU A 136 4.04 -0.15 10.94
C LEU A 136 5.04 1.01 10.96
N TYR A 137 4.54 2.23 10.67
CA TYR A 137 5.39 3.41 10.69
C TYR A 137 4.70 4.37 11.65
N ILE A 138 5.43 4.86 12.65
CA ILE A 138 4.84 5.74 13.64
C ILE A 138 5.60 7.02 13.92
N ILE A 139 4.87 8.05 14.32
CA ILE A 139 5.49 9.31 14.68
C ILE A 139 6.18 8.98 16.00
N GLU A 140 7.51 9.06 16.01
CA GLU A 140 8.32 8.71 17.17
C GLU A 140 8.01 9.48 18.46
N VAL A 141 7.77 10.78 18.31
CA VAL A 141 7.40 11.65 19.44
C VAL A 141 6.53 12.76 18.86
N PRO A 142 5.62 13.32 19.68
CA PRO A 142 4.75 14.39 19.17
C PRO A 142 5.44 15.74 18.98
N MET A 143 6.68 15.85 19.49
CA MET A 143 7.44 17.09 19.40
C MET A 143 8.21 17.20 18.09
N ALA A 144 8.19 18.38 17.50
CA ALA A 144 8.92 18.62 16.26
C ALA A 144 10.18 19.42 16.57
N PHE A 145 11.30 18.97 16.01
CA PHE A 145 12.59 19.64 16.21
C PHE A 145 13.06 20.27 14.90
N LYS A 146 14.08 21.12 15.00
CA LYS A 146 14.63 21.80 13.83
C LYS A 146 15.09 20.83 12.75
N PRO A 147 14.50 20.92 11.54
CA PRO A 147 14.84 20.04 10.42
C PRO A 147 16.31 20.16 10.02
N GLY A 148 16.98 19.03 9.83
CA GLY A 148 18.39 19.06 9.45
C GLY A 148 19.08 17.72 9.55
N ASP A 149 20.41 17.75 9.67
CA ASP A 149 21.22 16.54 9.77
C ASP A 149 21.24 16.00 11.19
N GLU A 150 21.56 16.87 12.14
CA GLU A 150 21.61 16.49 13.54
C GLU A 150 20.22 16.11 14.04
N ILE A 151 20.13 15.00 14.76
CA ILE A 151 18.85 14.55 15.29
C ILE A 151 18.51 15.26 16.59
N TYR A 152 19.49 15.99 17.14
CA TYR A 152 19.32 16.74 18.38
C TYR A 152 19.78 18.18 18.20
N PRO A 153 18.97 19.01 17.51
CA PRO A 153 19.25 20.43 17.24
C PRO A 153 19.38 21.33 18.47
N ARG A 154 20.45 22.12 18.49
CA ARG A 154 20.72 23.07 19.58
C ARG A 154 21.74 24.12 19.14
N ASP A 155 21.55 25.35 19.61
CA ASP A 155 22.45 26.45 19.25
C ASP A 155 23.71 26.35 20.11
N GLU A 156 24.60 27.33 19.95
CA GLU A 156 25.86 27.35 20.70
C GLU A 156 25.67 27.42 22.22
N ASN A 157 24.48 27.80 22.65
CA ASN A 157 24.18 27.91 24.07
C ASN A 157 23.54 26.64 24.61
N GLY A 158 23.38 25.64 23.76
CA GLY A 158 22.78 24.38 24.19
C GLY A 158 21.27 24.40 24.17
N LYS A 159 20.69 25.53 23.80
CA LYS A 159 19.24 25.66 23.74
C LYS A 159 18.70 24.79 22.61
N TRP A 160 17.84 23.84 22.96
CA TRP A 160 17.27 22.97 21.94
C TRP A 160 16.49 23.75 20.91
N LEU A 161 16.76 23.44 19.63
CA LEU A 161 16.09 24.11 18.54
C LEU A 161 14.80 23.38 18.19
N TYR A 162 13.69 23.95 18.64
CA TYR A 162 12.37 23.37 18.41
C TYR A 162 11.77 23.89 17.10
N HIS A 163 10.72 23.22 16.65
CA HIS A 163 10.03 23.60 15.42
C HIS A 163 8.55 23.53 15.75
N LYS A 164 7.75 24.40 15.14
CA LYS A 164 6.32 24.39 15.41
C LYS A 164 5.71 23.10 14.89
N SER A 165 5.09 22.34 15.79
CA SER A 165 4.47 21.10 15.42
C SER A 165 3.12 21.32 14.75
N ASN A 166 2.78 20.43 13.84
CA ASN A 166 1.51 20.47 13.12
C ASN A 166 1.18 19.01 12.86
N LEU A 167 0.91 18.27 13.94
CA LEU A 167 0.59 16.85 13.88
C LEU A 167 -0.41 16.49 12.80
N CYS A 168 -1.42 17.32 12.60
CA CYS A 168 -2.43 17.04 11.58
C CYS A 168 -1.80 16.98 10.20
N ALA A 169 -0.94 17.96 9.90
CA ALA A 169 -0.28 18.00 8.61
C ALA A 169 0.69 16.83 8.48
N THR A 170 1.44 16.54 9.54
CA THR A 170 2.39 15.44 9.53
C THR A 170 1.66 14.11 9.29
N TRP A 171 0.50 13.98 9.89
CA TRP A 171 -0.29 12.77 9.75
C TRP A 171 -0.81 12.57 8.32
N GLU A 172 -1.24 13.65 7.68
CA GLU A 172 -1.73 13.55 6.31
C GLU A 172 -0.63 13.02 5.38
N ALA A 173 0.61 13.37 5.70
CA ALA A 173 1.74 12.92 4.91
C ALA A 173 2.00 11.44 5.19
N MET A 174 1.76 11.01 6.43
CA MET A 174 1.95 9.60 6.77
C MET A 174 0.89 8.83 5.96
N GLU A 175 -0.33 9.39 5.92
CA GLU A 175 -1.42 8.78 5.20
C GLU A 175 -1.08 8.56 3.72
N ALA A 176 -0.42 9.56 3.13
CA ALA A 176 -0.03 9.45 1.73
C ALA A 176 0.95 8.30 1.53
N CYS A 177 1.76 8.03 2.56
CA CYS A 177 2.73 6.95 2.49
C CYS A 177 2.02 5.60 2.45
N LYS A 178 0.94 5.47 3.22
CA LYS A 178 0.21 4.21 3.21
C LYS A 178 -0.53 4.09 1.88
N ASP A 179 -1.00 5.20 1.34
CA ASP A 179 -1.71 5.19 0.07
C ASP A 179 -0.77 4.73 -1.05
N ALA A 180 0.52 5.03 -0.93
CA ALA A 180 1.50 4.63 -1.93
C ALA A 180 1.96 3.19 -1.76
N GLY A 181 1.51 2.54 -0.70
CA GLY A 181 1.88 1.15 -0.45
C GLY A 181 3.22 0.94 0.23
N LEU A 182 3.79 2.01 0.77
CA LEU A 182 5.09 1.95 1.45
C LEU A 182 5.00 1.44 2.88
N VAL A 183 3.79 1.37 3.42
CA VAL A 183 3.57 0.92 4.79
C VAL A 183 2.14 0.39 4.95
N LYS A 184 1.99 -0.69 5.72
CA LYS A 184 0.67 -1.28 5.92
C LYS A 184 -0.17 -0.57 6.98
N SER A 185 0.46 -0.21 8.10
CA SER A 185 -0.26 0.45 9.19
C SER A 185 0.44 1.71 9.71
N LEU A 186 -0.36 2.66 10.16
CA LEU A 186 0.18 3.92 10.69
C LEU A 186 -0.13 4.04 12.17
N GLY A 187 0.82 4.60 12.92
CA GLY A 187 0.61 4.77 14.35
C GLY A 187 1.41 5.92 14.93
N VAL A 188 1.40 6.03 16.25
CA VAL A 188 2.12 7.08 16.94
C VAL A 188 2.84 6.55 18.16
N SER A 189 3.68 7.37 18.77
CA SER A 189 4.44 6.97 19.95
C SER A 189 4.63 8.17 20.87
N ASN A 190 4.43 7.96 22.17
CA ASN A 190 4.58 9.03 23.16
C ASN A 190 3.52 10.12 23.01
N PHE A 191 2.32 9.72 22.57
CA PHE A 191 1.19 10.63 22.38
C PHE A 191 0.21 10.56 23.56
N ASN A 192 -0.15 11.72 24.12
CA ASN A 192 -1.12 11.75 25.22
C ASN A 192 -2.52 11.83 24.62
N ARG A 193 -3.55 11.73 25.44
CA ARG A 193 -4.93 11.78 24.96
C ARG A 193 -5.24 12.97 24.04
N ARG A 194 -4.74 14.14 24.39
CA ARG A 194 -4.99 15.33 23.59
C ARG A 194 -4.43 15.20 22.17
N GLN A 195 -3.18 14.79 22.08
CA GLN A 195 -2.51 14.64 20.79
C GLN A 195 -3.15 13.53 19.94
N LEU A 196 -3.74 12.55 20.61
CA LEU A 196 -4.42 11.46 19.91
C LEU A 196 -5.72 11.99 19.34
N GLU A 197 -6.44 12.77 20.14
CA GLU A 197 -7.72 13.36 19.74
C GLU A 197 -7.52 14.30 18.56
N LEU A 198 -6.44 15.07 18.61
CA LEU A 198 -6.11 16.02 17.56
C LEU A 198 -6.12 15.31 16.19
N ILE A 199 -5.74 14.05 16.18
CA ILE A 199 -5.71 13.26 14.95
C ILE A 199 -7.04 12.55 14.72
N LEU A 200 -7.55 11.89 15.75
CA LEU A 200 -8.82 11.17 15.66
C LEU A 200 -10.00 12.06 15.25
N ASN A 201 -9.90 13.36 15.51
CA ASN A 201 -10.98 14.27 15.14
C ASN A 201 -10.66 15.11 13.91
N LYS A 202 -9.51 14.84 13.30
CA LYS A 202 -9.11 15.61 12.13
C LYS A 202 -10.15 15.53 11.02
N PRO A 203 -10.45 16.68 10.39
CA PRO A 203 -11.43 16.69 9.31
C PRO A 203 -10.91 15.87 8.14
N GLY A 204 -11.73 14.96 7.62
CA GLY A 204 -11.30 14.16 6.50
C GLY A 204 -10.22 13.15 6.80
N LEU A 205 -10.21 12.63 8.03
CA LEU A 205 -9.23 11.64 8.44
C LEU A 205 -9.39 10.40 7.55
N LYS A 206 -8.28 9.93 6.98
CA LYS A 206 -8.31 8.78 6.08
C LYS A 206 -7.91 7.49 6.78
N HIS A 207 -6.78 7.53 7.47
CA HIS A 207 -6.27 6.38 8.18
C HIS A 207 -6.08 6.74 9.65
N LYS A 208 -6.83 6.10 10.53
CA LYS A 208 -6.71 6.39 11.95
C LYS A 208 -5.50 5.65 12.52
N PRO A 209 -4.84 6.23 13.52
CA PRO A 209 -3.69 5.54 14.09
C PRO A 209 -4.18 4.22 14.72
N VAL A 210 -3.52 3.12 14.41
CA VAL A 210 -3.92 1.82 14.94
C VAL A 210 -3.11 1.41 16.15
N SER A 211 -2.12 2.23 16.50
CA SER A 211 -1.24 1.91 17.62
C SER A 211 -0.56 3.14 18.23
N ASN A 212 -0.35 3.08 19.55
CA ASN A 212 0.33 4.13 20.28
C ASN A 212 1.36 3.40 21.14
N GLN A 213 2.64 3.60 20.83
CA GLN A 213 3.72 2.95 21.55
C GLN A 213 4.17 3.83 22.70
N VAL A 214 3.94 3.37 23.92
CA VAL A 214 4.30 4.14 25.11
C VAL A 214 4.92 3.29 26.21
N GLU A 215 5.59 3.93 27.16
CA GLU A 215 6.20 3.19 28.27
C GLU A 215 5.09 2.48 29.02
N CYS A 216 5.26 1.20 29.32
CA CYS A 216 4.24 0.45 30.02
C CYS A 216 4.78 -0.81 30.69
N HIS A 217 4.57 -0.90 31.99
CA HIS A 217 5.03 -2.02 32.81
C HIS A 217 4.37 -1.86 34.19
N PRO A 218 4.49 -2.87 35.06
CA PRO A 218 3.89 -2.81 36.40
C PRO A 218 4.09 -1.51 37.20
N TYR A 219 5.18 -0.79 36.93
CA TYR A 219 5.44 0.45 37.64
C TYR A 219 4.79 1.66 36.97
N PHE A 220 4.32 1.46 35.74
CA PHE A 220 3.64 2.52 34.99
C PHE A 220 2.67 1.80 34.07
N THR A 221 1.51 1.45 34.64
CA THR A 221 0.48 0.69 33.95
C THR A 221 -0.38 1.37 32.88
N GLN A 222 -0.28 2.69 32.76
CA GLN A 222 -1.05 3.42 31.76
C GLN A 222 -2.53 3.07 31.80
N PRO A 223 -3.14 3.07 33.00
CA PRO A 223 -4.57 2.73 33.14
C PRO A 223 -5.55 3.58 32.31
N LYS A 224 -5.44 4.90 32.38
CA LYS A 224 -6.35 5.77 31.64
C LYS A 224 -6.07 5.85 30.15
N LEU A 225 -4.80 5.90 29.79
CA LEU A 225 -4.43 5.97 28.37
C LEU A 225 -4.80 4.67 27.68
N LEU A 226 -4.70 3.56 28.41
CA LEU A 226 -5.05 2.26 27.85
C LEU A 226 -6.54 2.23 27.57
N LYS A 227 -7.35 2.70 28.53
CA LYS A 227 -8.80 2.73 28.35
C LYS A 227 -9.17 3.60 27.17
N PHE A 228 -8.56 4.78 27.07
CA PHE A 228 -8.85 5.68 25.98
C PHE A 228 -8.56 5.02 24.64
N CYS A 229 -7.37 4.43 24.52
CA CYS A 229 -6.98 3.75 23.28
C CYS A 229 -7.93 2.61 22.91
N GLN A 230 -8.24 1.74 23.88
CA GLN A 230 -9.14 0.63 23.63
C GLN A 230 -10.49 1.16 23.16
N GLN A 231 -10.88 2.32 23.69
CA GLN A 231 -12.15 2.95 23.35
C GLN A 231 -12.18 3.37 21.88
N HIS A 232 -11.00 3.66 21.32
CA HIS A 232 -10.90 4.07 19.93
C HIS A 232 -10.25 2.98 19.07
N ASP A 233 -10.21 1.76 19.60
CA ASP A 233 -9.63 0.63 18.88
C ASP A 233 -8.15 0.86 18.54
N ILE A 234 -7.43 1.48 19.47
CA ILE A 234 -6.02 1.76 19.31
C ILE A 234 -5.26 0.81 20.25
N VAL A 235 -4.44 -0.07 19.68
CA VAL A 235 -3.67 -1.01 20.47
C VAL A 235 -2.44 -0.35 21.07
N ILE A 236 -2.19 -0.63 22.35
CA ILE A 236 -1.02 -0.05 22.97
C ILE A 236 0.19 -0.98 22.87
N THR A 237 1.32 -0.40 22.53
CA THR A 237 2.57 -1.15 22.44
C THR A 237 3.41 -0.66 23.60
N ALA A 238 3.68 -1.57 24.53
CA ALA A 238 4.47 -1.21 25.70
C ALA A 238 5.95 -1.21 25.41
N TYR A 239 6.56 -0.03 25.35
CA TYR A 239 8.00 0.00 25.13
C TYR A 239 8.61 -0.03 26.53
N SER A 240 9.89 -0.39 26.63
CA SER A 240 10.57 -0.52 27.92
C SER A 240 9.70 -1.39 28.83
N PRO A 241 9.12 -2.46 28.29
CA PRO A 241 8.26 -3.37 29.06
C PRO A 241 8.92 -4.01 30.28
N LEU A 242 10.25 -4.02 30.30
CA LEU A 242 11.01 -4.61 31.40
C LEU A 242 11.60 -3.52 32.31
N GLY A 243 11.16 -2.28 32.11
CA GLY A 243 11.64 -1.17 32.94
C GLY A 243 12.92 -0.48 32.54
N THR A 244 13.34 -0.67 31.29
CA THR A 244 14.57 -0.07 30.75
C THR A 244 15.87 -0.68 31.25
N SER A 245 16.97 -0.32 30.59
CA SER A 245 18.29 -0.78 30.95
C SER A 245 18.81 0.07 32.10
N ARG A 246 17.98 1.02 32.52
CA ARG A 246 18.34 1.93 33.61
C ARG A 246 19.63 2.70 33.37
N ASN A 247 19.79 3.21 32.15
CA ASN A 247 20.97 4.01 31.81
C ASN A 247 20.70 5.42 32.34
N PRO A 248 21.45 5.85 33.37
CA PRO A 248 21.31 7.17 33.99
C PRO A 248 21.35 8.39 33.06
N ILE A 249 21.96 8.23 31.89
CA ILE A 249 22.03 9.35 30.94
C ILE A 249 20.64 9.87 30.60
N TRP A 250 19.66 8.97 30.55
CA TRP A 250 18.30 9.36 30.22
C TRP A 250 17.23 8.67 31.06
N VAL A 251 17.63 7.69 31.86
CA VAL A 251 16.64 6.97 32.67
C VAL A 251 16.53 7.48 34.10
N ASN A 252 15.29 7.78 34.50
CA ASN A 252 15.02 8.25 35.84
C ASN A 252 15.10 7.04 36.77
N VAL A 253 16.21 6.94 37.50
CA VAL A 253 16.42 5.81 38.41
C VAL A 253 15.78 5.97 39.78
N SER A 254 14.83 6.87 39.90
CA SER A 254 14.14 7.11 41.16
C SER A 254 13.52 5.83 41.71
N SER A 255 12.89 5.04 40.83
CA SER A 255 12.27 3.79 41.24
C SER A 255 13.31 2.67 41.27
N PRO A 256 13.13 1.69 42.17
CA PRO A 256 14.08 0.57 42.26
C PRO A 256 13.90 -0.29 41.01
N PRO A 257 14.87 -1.18 40.72
CA PRO A 257 14.75 -2.03 39.53
C PRO A 257 13.46 -2.83 39.51
N LEU A 258 12.69 -2.68 38.44
CA LEU A 258 11.43 -3.38 38.26
C LEU A 258 11.56 -4.90 38.39
N LEU A 259 12.63 -5.45 37.83
CA LEU A 259 12.84 -6.89 37.88
C LEU A 259 13.30 -7.42 39.24
N LYS A 260 13.54 -6.52 40.17
CA LYS A 260 13.96 -6.90 41.52
C LYS A 260 12.76 -6.79 42.47
N ASP A 261 11.61 -6.43 41.91
CA ASP A 261 10.39 -6.28 42.68
C ASP A 261 10.02 -7.54 43.46
N ALA A 262 9.60 -7.35 44.71
CA ALA A 262 9.24 -8.46 45.59
C ALA A 262 8.10 -9.33 45.06
N LEU A 263 6.96 -8.71 44.74
CA LEU A 263 5.83 -9.49 44.25
C LEU A 263 6.11 -10.17 42.91
N LEU A 264 6.72 -9.45 41.99
CA LEU A 264 7.03 -10.00 40.67
C LEU A 264 7.89 -11.25 40.78
N ASN A 265 8.89 -11.23 41.65
CA ASN A 265 9.77 -12.37 41.84
C ASN A 265 9.07 -13.51 42.59
N SER A 266 8.16 -13.14 43.48
CA SER A 266 7.40 -14.10 44.24
C SER A 266 6.51 -14.90 43.28
N LEU A 267 5.78 -14.19 42.44
CA LEU A 267 4.91 -14.83 41.47
C LEU A 267 5.73 -15.71 40.52
N GLY A 268 6.94 -15.24 40.19
CA GLY A 268 7.81 -16.00 39.32
C GLY A 268 8.06 -17.39 39.86
N LYS A 269 8.31 -17.48 41.17
CA LYS A 269 8.56 -18.76 41.81
C LYS A 269 7.35 -19.68 41.67
N ARG A 270 6.15 -19.11 41.81
CA ARG A 270 4.93 -19.89 41.69
C ARG A 270 4.83 -20.60 40.33
N TYR A 271 5.24 -19.90 39.28
CA TYR A 271 5.19 -20.47 37.94
C TYR A 271 6.55 -20.91 37.41
N ASN A 272 7.57 -20.85 38.27
CA ASN A 272 8.92 -21.21 37.84
C ASN A 272 9.31 -20.35 36.64
N LYS A 273 9.05 -19.05 36.76
CA LYS A 273 9.35 -18.07 35.73
C LYS A 273 10.11 -16.92 36.36
N THR A 274 10.81 -16.14 35.55
CA THR A 274 11.56 -14.99 36.07
C THR A 274 10.59 -13.82 36.18
N ALA A 275 11.01 -12.77 36.86
CA ALA A 275 10.15 -11.58 37.00
C ALA A 275 9.91 -10.98 35.63
N ALA A 276 10.91 -11.10 34.76
CA ALA A 276 10.79 -10.55 33.41
C ALA A 276 9.67 -11.25 32.66
N GLN A 277 9.59 -12.57 32.80
CA GLN A 277 8.54 -13.32 32.10
C GLN A 277 7.19 -13.01 32.70
N ILE A 278 7.18 -12.70 34.00
CA ILE A 278 5.94 -12.36 34.69
C ILE A 278 5.44 -11.00 34.18
N VAL A 279 6.31 -10.00 34.10
CA VAL A 279 5.87 -8.69 33.62
C VAL A 279 5.44 -8.72 32.14
N LEU A 280 6.14 -9.50 31.32
CA LEU A 280 5.79 -9.61 29.91
C LEU A 280 4.42 -10.26 29.76
N ARG A 281 4.21 -11.35 30.50
CA ARG A 281 2.93 -12.06 30.47
C ARG A 281 1.81 -11.14 30.95
N PHE A 282 2.10 -10.34 31.97
CA PHE A 282 1.12 -9.41 32.51
C PHE A 282 0.52 -8.54 31.40
N ASN A 283 1.37 -7.89 30.61
CA ASN A 283 0.87 -7.03 29.55
C ASN A 283 0.18 -7.72 28.37
N ILE A 284 0.74 -8.81 27.86
CA ILE A 284 0.08 -9.47 26.73
C ILE A 284 -1.25 -10.08 27.12
N GLN A 285 -1.40 -10.44 28.38
CA GLN A 285 -2.64 -11.03 28.85
C GLN A 285 -3.75 -9.98 28.91
N ARG A 286 -3.35 -8.71 28.97
CA ARG A 286 -4.31 -7.61 29.00
C ARG A 286 -4.40 -6.96 27.62
N GLY A 287 -3.94 -7.69 26.59
CA GLY A 287 -3.99 -7.20 25.22
C GLY A 287 -3.00 -6.11 24.84
N VAL A 288 -1.92 -5.98 25.61
CA VAL A 288 -0.89 -4.96 25.32
C VAL A 288 0.34 -5.61 24.70
N VAL A 289 0.73 -5.10 23.54
CA VAL A 289 1.90 -5.61 22.82
C VAL A 289 3.19 -5.28 23.59
N VAL A 290 4.09 -6.25 23.71
CA VAL A 290 5.34 -6.00 24.41
C VAL A 290 6.51 -6.15 23.45
N ILE A 291 7.50 -5.27 23.57
CA ILE A 291 8.67 -5.32 22.69
C ILE A 291 9.97 -5.25 23.47
N PRO A 292 10.18 -6.22 24.38
CA PRO A 292 11.39 -6.28 25.20
C PRO A 292 12.64 -6.39 24.35
N LYS A 293 13.67 -5.63 24.73
CA LYS A 293 14.93 -5.66 24.01
C LYS A 293 15.97 -6.48 24.74
N SER A 294 16.67 -7.31 23.97
CA SER A 294 17.75 -8.12 24.50
C SER A 294 18.64 -8.55 23.35
N PHE A 295 19.94 -8.41 23.55
CA PHE A 295 20.93 -8.83 22.56
C PHE A 295 21.72 -9.96 23.19
N ASN A 296 21.08 -10.66 24.13
CA ASN A 296 21.70 -11.79 24.82
C ASN A 296 20.94 -13.05 24.43
N LEU A 297 21.67 -14.03 23.92
CA LEU A 297 21.09 -15.30 23.47
C LEU A 297 20.07 -15.91 24.42
N GLU A 298 20.43 -16.05 25.68
CA GLU A 298 19.54 -16.65 26.66
C GLU A 298 18.34 -15.81 27.03
N ARG A 299 18.55 -14.51 27.21
CA ARG A 299 17.44 -13.64 27.59
C ARG A 299 16.44 -13.47 26.45
N ILE A 300 16.93 -13.47 25.21
CA ILE A 300 16.04 -13.35 24.05
C ILE A 300 15.05 -14.53 24.10
N LYS A 301 15.55 -15.71 24.40
CA LYS A 301 14.71 -16.90 24.48
C LYS A 301 13.80 -16.84 25.71
N GLU A 302 14.35 -16.43 26.84
CA GLU A 302 13.58 -16.32 28.07
C GLU A 302 12.32 -15.48 27.91
N ASN A 303 12.49 -14.29 27.34
CA ASN A 303 11.40 -13.37 27.13
C ASN A 303 10.28 -13.93 26.24
N PHE A 304 10.62 -14.86 25.36
CA PHE A 304 9.61 -15.44 24.47
C PHE A 304 8.78 -16.55 25.12
N GLN A 305 9.27 -17.11 26.21
CA GLN A 305 8.56 -18.21 26.88
C GLN A 305 7.47 -17.70 27.81
N ILE A 306 6.43 -17.10 27.24
CA ILE A 306 5.32 -16.55 28.02
C ILE A 306 3.96 -17.00 27.51
N PHE A 307 3.91 -18.14 26.86
CA PHE A 307 2.66 -18.66 26.30
C PHE A 307 2.28 -20.00 26.93
N ASP A 308 3.10 -20.49 27.85
CA ASP A 308 2.84 -21.77 28.50
C ASP A 308 2.30 -21.63 29.93
N PHE A 309 1.81 -20.44 30.27
CA PHE A 309 1.23 -20.19 31.59
C PHE A 309 0.42 -18.90 31.51
N SER A 310 -0.43 -18.67 32.50
CA SER A 310 -1.25 -17.47 32.52
C SER A 310 -1.48 -17.05 33.97
N LEU A 311 -1.59 -15.75 34.19
CA LEU A 311 -1.82 -15.21 35.52
C LEU A 311 -3.29 -15.22 35.87
N THR A 312 -3.59 -15.47 37.14
CA THR A 312 -4.97 -15.48 37.61
C THR A 312 -5.48 -14.04 37.66
N GLU A 313 -6.80 -13.88 37.75
CA GLU A 313 -7.39 -12.56 37.81
C GLU A 313 -6.90 -11.81 39.05
N GLU A 314 -6.63 -12.55 40.11
CA GLU A 314 -6.16 -11.95 41.36
C GLU A 314 -4.71 -11.49 41.22
N GLU A 315 -3.88 -12.30 40.56
CA GLU A 315 -2.49 -11.95 40.36
C GLU A 315 -2.41 -10.76 39.40
N MET A 316 -3.26 -10.75 38.39
CA MET A 316 -3.29 -9.66 37.42
C MET A 316 -3.60 -8.36 38.16
N LYS A 317 -4.51 -8.45 39.13
CA LYS A 317 -4.90 -7.30 39.93
C LYS A 317 -3.77 -6.87 40.85
N ASP A 318 -3.11 -7.82 41.50
CA ASP A 318 -2.01 -7.49 42.41
C ASP A 318 -0.84 -6.90 41.64
N ILE A 319 -0.63 -7.36 40.41
CA ILE A 319 0.47 -6.83 39.61
C ILE A 319 0.14 -5.41 39.17
N GLU A 320 -1.08 -5.22 38.69
CA GLU A 320 -1.51 -3.89 38.25
C GLU A 320 -1.40 -2.92 39.43
N ALA A 321 -1.68 -3.43 40.63
CA ALA A 321 -1.64 -2.61 41.84
C ALA A 321 -0.23 -2.12 42.15
N LEU A 322 0.74 -2.57 41.37
CA LEU A 322 2.12 -2.15 41.58
C LEU A 322 2.42 -0.79 40.96
N ASN A 323 1.50 -0.29 40.15
CA ASN A 323 1.69 0.99 39.48
C ASN A 323 2.12 2.11 40.44
N LYS A 324 3.11 2.89 40.02
CA LYS A 324 3.63 3.99 40.83
C LYS A 324 3.41 5.36 40.18
N ASN A 325 2.93 5.37 38.94
CA ASN A 325 2.73 6.63 38.22
C ASN A 325 4.05 7.39 38.13
N VAL A 326 5.13 6.65 37.98
CA VAL A 326 6.46 7.24 37.84
C VAL A 326 7.08 6.63 36.59
N ARG A 327 7.48 7.49 35.65
CA ARG A 327 8.06 7.02 34.41
C ARG A 327 9.56 6.82 34.55
N PHE A 328 10.09 5.84 33.81
CA PHE A 328 11.52 5.59 33.78
C PHE A 328 12.05 6.48 32.65
N VAL A 329 11.15 6.83 31.75
CA VAL A 329 11.47 7.66 30.61
C VAL A 329 10.68 8.96 30.69
N GLU A 330 11.29 9.99 31.25
CA GLU A 330 10.64 11.29 31.42
C GLU A 330 10.96 12.26 30.28
N LEU A 331 12.18 12.18 29.75
CA LEU A 331 12.59 13.07 28.66
C LEU A 331 12.46 14.51 29.14
N LEU A 332 12.90 14.77 30.36
CA LEU A 332 12.82 16.08 30.96
C LEU A 332 13.48 17.21 30.17
N MET A 333 14.52 16.89 29.41
CA MET A 333 15.21 17.91 28.63
C MET A 333 14.32 18.60 27.61
N TRP A 334 13.15 18.02 27.35
CA TRP A 334 12.23 18.60 26.37
C TRP A 334 10.87 18.93 27.00
N ARG A 335 10.85 19.10 28.32
CA ARG A 335 9.60 19.40 29.02
C ARG A 335 9.07 20.79 28.67
N ASP A 336 9.92 21.62 28.10
CA ASP A 336 9.53 22.99 27.71
C ASP A 336 9.01 23.06 26.28
N HIS A 337 9.03 21.94 25.56
CA HIS A 337 8.53 21.93 24.19
C HIS A 337 7.00 21.92 24.23
N PRO A 338 6.36 22.72 23.38
CA PRO A 338 4.90 22.79 23.34
C PRO A 338 4.19 21.46 23.27
N GLU A 339 4.79 20.49 22.58
CA GLU A 339 4.17 19.18 22.45
C GLU A 339 4.64 18.15 23.46
N TYR A 340 5.35 18.58 24.50
CA TYR A 340 5.79 17.63 25.52
C TYR A 340 4.52 16.87 25.88
N PRO A 341 4.57 15.54 25.88
CA PRO A 341 3.38 14.76 26.21
C PRO A 341 3.12 14.37 27.66
N PHE A 342 4.09 14.58 28.53
CA PHE A 342 3.96 14.14 29.91
C PHE A 342 3.46 15.10 30.99
N HIS A 343 3.00 16.29 30.61
CA HIS A 343 2.47 17.23 31.59
C HIS A 343 1.07 16.78 31.98
N ASP A 344 0.27 16.48 30.96
CA ASP A 344 -1.11 16.03 31.16
C ASP A 344 -1.14 14.74 31.96
N GLU A 345 -2.25 14.51 32.64
CA GLU A 345 -2.41 13.30 33.45
C GLU A 345 -2.26 12.06 32.58
N TYR A 346 -2.57 12.21 31.29
CA TYR A 346 -2.48 11.12 30.33
C TYR A 346 -2.97 11.61 28.98
N ASP B 22 -26.45 -10.92 -26.09
CA ASP B 22 -27.31 -9.78 -25.65
C ASP B 22 -26.70 -9.14 -24.42
N LEU B 23 -26.75 -7.81 -24.36
CA LEU B 23 -26.18 -7.08 -23.23
C LEU B 23 -27.23 -6.18 -22.60
N SER B 24 -27.21 -6.06 -21.28
CA SER B 24 -28.15 -5.20 -20.58
C SER B 24 -27.42 -4.49 -19.44
N ALA B 25 -28.03 -3.45 -18.90
CA ALA B 25 -27.42 -2.70 -17.79
C ALA B 25 -27.14 -3.61 -16.61
N ALA B 26 -28.06 -4.54 -16.33
CA ALA B 26 -27.91 -5.45 -15.21
C ALA B 26 -26.95 -6.60 -15.50
N SER B 27 -26.87 -7.01 -16.76
CA SER B 27 -25.99 -8.11 -17.14
C SER B 27 -25.30 -7.86 -18.48
N HIS B 28 -23.99 -7.59 -18.44
CA HIS B 28 -23.23 -7.33 -19.65
C HIS B 28 -21.79 -7.83 -19.57
N ARG B 29 -21.60 -9.00 -18.99
CA ARG B 29 -20.27 -9.58 -18.85
C ARG B 29 -20.05 -10.53 -20.02
N ILE B 30 -18.86 -10.48 -20.61
CA ILE B 30 -18.54 -11.38 -21.71
C ILE B 30 -17.40 -12.30 -21.31
N PRO B 31 -17.39 -13.53 -21.84
CA PRO B 31 -16.37 -14.54 -21.55
C PRO B 31 -14.92 -14.27 -21.93
N LEU B 32 -14.02 -14.70 -21.05
CA LEU B 32 -12.58 -14.60 -21.27
C LEU B 32 -12.16 -16.06 -21.45
N SER B 33 -11.13 -16.29 -22.25
CA SER B 33 -10.69 -17.65 -22.54
C SER B 33 -10.32 -18.51 -21.33
N ASP B 34 -10.17 -17.92 -20.15
CA ASP B 34 -9.81 -18.69 -18.97
C ASP B 34 -11.00 -19.04 -18.07
N GLY B 35 -12.21 -18.86 -18.59
CA GLY B 35 -13.38 -19.21 -17.80
C GLY B 35 -13.97 -18.08 -16.98
N ASN B 36 -13.27 -16.96 -16.90
CA ASN B 36 -13.78 -15.83 -16.17
C ASN B 36 -14.56 -14.97 -17.14
N SER B 37 -15.04 -13.81 -16.69
CA SER B 37 -15.79 -12.92 -17.55
C SER B 37 -15.42 -11.50 -17.14
N ILE B 38 -15.70 -10.55 -18.03
CA ILE B 38 -15.39 -9.15 -17.78
C ILE B 38 -16.55 -8.25 -18.22
N PRO B 39 -16.95 -7.28 -17.38
CA PRO B 39 -18.06 -6.38 -17.74
C PRO B 39 -17.65 -5.60 -18.98
N ILE B 40 -18.47 -5.64 -20.02
CA ILE B 40 -18.16 -4.98 -21.28
C ILE B 40 -17.87 -3.47 -21.21
N ILE B 41 -18.21 -2.85 -20.10
CA ILE B 41 -17.91 -1.44 -19.92
C ILE B 41 -17.35 -1.25 -18.53
N GLY B 42 -16.31 -0.44 -18.43
CA GLY B 42 -15.69 -0.16 -17.15
C GLY B 42 -15.35 1.30 -17.07
N LEU B 43 -15.02 1.79 -15.88
CA LEU B 43 -14.68 3.19 -15.71
C LEU B 43 -13.17 3.40 -15.74
N GLY B 44 -12.70 4.21 -16.68
CA GLY B 44 -11.28 4.50 -16.75
C GLY B 44 -10.97 5.47 -15.61
N THR B 45 -9.80 5.36 -15.00
CA THR B 45 -9.49 6.25 -13.89
C THR B 45 -8.25 7.11 -14.02
N TYR B 46 -7.64 7.17 -15.21
CA TYR B 46 -6.48 8.02 -15.33
C TYR B 46 -6.94 9.47 -15.38
N SER B 47 -6.23 10.32 -14.65
CA SER B 47 -6.53 11.74 -14.60
C SER B 47 -5.22 12.46 -14.27
N GLU B 48 -4.92 13.53 -14.99
CA GLU B 48 -3.69 14.30 -14.77
C GLU B 48 -3.44 14.56 -13.29
N PRO B 49 -2.45 13.86 -12.71
CA PRO B 49 -2.11 14.01 -11.29
C PRO B 49 -2.00 15.45 -10.81
N LYS B 50 -1.11 16.22 -11.42
CA LYS B 50 -0.87 17.60 -11.05
C LYS B 50 -2.09 18.53 -11.01
N SER B 51 -3.20 18.12 -11.61
CA SER B 51 -4.38 18.98 -11.62
C SER B 51 -5.69 18.33 -11.19
N THR B 52 -5.63 17.11 -10.70
CA THR B 52 -6.85 16.44 -10.27
C THR B 52 -6.96 16.48 -8.76
N PRO B 53 -8.06 17.07 -8.24
CA PRO B 53 -8.25 17.16 -6.80
C PRO B 53 -8.33 15.78 -6.14
N LYS B 54 -7.71 15.65 -4.98
CA LYS B 54 -7.72 14.38 -4.27
C LYS B 54 -9.16 13.98 -3.95
N GLY B 55 -9.44 12.69 -4.03
CA GLY B 55 -10.77 12.20 -3.74
C GLY B 55 -11.68 12.16 -4.96
N ALA B 56 -11.32 12.92 -5.99
CA ALA B 56 -12.13 12.96 -7.21
C ALA B 56 -12.32 11.57 -7.80
N CYS B 57 -11.26 10.77 -7.79
CA CYS B 57 -11.33 9.42 -8.33
C CYS B 57 -12.22 8.52 -7.47
N ALA B 58 -12.05 8.61 -6.15
CA ALA B 58 -12.84 7.82 -5.22
C ALA B 58 -14.33 8.12 -5.39
N THR B 59 -14.66 9.40 -5.50
CA THR B 59 -16.05 9.82 -5.65
C THR B 59 -16.62 9.31 -6.99
N SER B 60 -15.80 9.36 -8.03
CA SER B 60 -16.21 8.91 -9.35
C SER B 60 -16.42 7.41 -9.39
N VAL B 61 -15.57 6.66 -8.70
CA VAL B 61 -15.74 5.21 -8.69
C VAL B 61 -17.02 4.86 -7.95
N LYS B 62 -17.30 5.57 -6.86
CA LYS B 62 -18.51 5.33 -6.07
C LYS B 62 -19.76 5.61 -6.89
N VAL B 63 -19.73 6.68 -7.67
CA VAL B 63 -20.85 7.06 -8.51
C VAL B 63 -21.05 6.02 -9.61
N ALA B 64 -19.95 5.58 -10.21
CA ALA B 64 -20.03 4.58 -11.28
C ALA B 64 -20.69 3.31 -10.76
N ILE B 65 -20.25 2.83 -9.60
CA ILE B 65 -20.79 1.61 -9.02
C ILE B 65 -22.29 1.77 -8.71
N ASP B 66 -22.70 2.95 -8.25
CA ASP B 66 -24.12 3.18 -7.96
C ASP B 66 -24.89 3.19 -9.27
N THR B 67 -24.24 3.70 -10.32
CA THR B 67 -24.85 3.78 -11.64
C THR B 67 -25.03 2.41 -12.30
N GLY B 68 -24.19 1.45 -11.91
CA GLY B 68 -24.30 0.13 -12.50
C GLY B 68 -22.99 -0.44 -13.00
N TYR B 69 -21.95 0.38 -13.06
CA TYR B 69 -20.63 -0.10 -13.51
C TYR B 69 -20.17 -1.17 -12.53
N ARG B 70 -19.53 -2.22 -13.05
CA ARG B 70 -19.02 -3.28 -12.20
C ARG B 70 -17.56 -3.56 -12.59
N HIS B 71 -17.02 -2.70 -13.44
CA HIS B 71 -15.66 -2.83 -13.95
C HIS B 71 -14.96 -1.48 -13.81
N ILE B 72 -13.76 -1.51 -13.21
CA ILE B 72 -12.98 -0.30 -13.01
C ILE B 72 -11.55 -0.57 -13.50
N ASP B 73 -11.04 0.31 -14.35
CA ASP B 73 -9.69 0.17 -14.89
C ASP B 73 -8.78 1.20 -14.25
N GLY B 74 -7.65 0.73 -13.75
CA GLY B 74 -6.71 1.64 -13.11
C GLY B 74 -5.28 1.13 -13.22
N ALA B 75 -4.36 1.82 -12.54
CA ALA B 75 -2.96 1.47 -12.56
C ALA B 75 -2.22 2.23 -11.46
N TYR B 76 -1.25 1.56 -10.85
CA TYR B 76 -0.49 2.21 -9.81
C TYR B 76 0.12 3.53 -10.31
N ILE B 77 0.57 3.56 -11.56
CA ILE B 77 1.19 4.78 -12.08
C ILE B 77 0.24 5.96 -12.29
N TYR B 78 -1.06 5.73 -12.18
CA TYR B 78 -2.04 6.80 -12.34
C TYR B 78 -2.03 7.67 -11.07
N GLN B 79 -1.36 7.17 -10.03
CA GLN B 79 -1.24 7.88 -8.75
C GLN B 79 -2.52 7.93 -7.90
N ASN B 80 -3.58 7.26 -8.35
CA ASN B 80 -4.83 7.28 -7.60
C ASN B 80 -5.42 5.90 -7.37
N GLU B 81 -4.58 4.87 -7.49
CA GLU B 81 -5.05 3.50 -7.30
C GLU B 81 -5.60 3.30 -5.88
N HIS B 82 -5.09 4.05 -4.91
CA HIS B 82 -5.56 3.92 -3.53
C HIS B 82 -7.00 4.44 -3.46
N GLU B 83 -7.32 5.44 -4.27
CA GLU B 83 -8.67 5.99 -4.27
C GLU B 83 -9.67 4.98 -4.84
N VAL B 84 -9.21 4.17 -5.79
CA VAL B 84 -10.05 3.13 -6.38
C VAL B 84 -10.39 2.11 -5.31
N GLY B 85 -9.38 1.70 -4.55
CA GLY B 85 -9.61 0.73 -3.49
C GLY B 85 -10.55 1.24 -2.41
N GLU B 86 -10.44 2.53 -2.09
CA GLU B 86 -11.29 3.15 -1.08
C GLU B 86 -12.76 3.05 -1.48
N ALA B 87 -13.06 3.44 -2.72
CA ALA B 87 -14.42 3.40 -3.24
C ALA B 87 -14.99 1.98 -3.32
N ILE B 88 -14.21 1.05 -3.87
CA ILE B 88 -14.65 -0.34 -3.98
C ILE B 88 -14.95 -0.94 -2.60
N ARG B 89 -14.00 -0.81 -1.68
CA ARG B 89 -14.19 -1.35 -0.33
C ARG B 89 -15.39 -0.70 0.37
N GLU B 90 -15.56 0.60 0.20
CA GLU B 90 -16.68 1.30 0.81
C GLU B 90 -18.02 0.79 0.28
N LYS B 91 -18.09 0.58 -1.03
CA LYS B 91 -19.32 0.08 -1.64
C LYS B 91 -19.60 -1.34 -1.19
N ILE B 92 -18.56 -2.06 -0.81
CA ILE B 92 -18.70 -3.41 -0.32
C ILE B 92 -19.17 -3.30 1.12
N ALA B 93 -18.62 -2.32 1.83
CA ALA B 93 -18.97 -2.08 3.23
C ALA B 93 -20.47 -1.80 3.38
N GLU B 94 -20.98 -0.89 2.56
CA GLU B 94 -22.39 -0.56 2.65
C GLU B 94 -23.25 -1.64 2.00
N GLY B 95 -22.61 -2.73 1.58
CA GLY B 95 -23.32 -3.84 0.97
C GLY B 95 -23.90 -3.60 -0.41
N LYS B 96 -23.50 -2.50 -1.05
CA LYS B 96 -24.01 -2.19 -2.39
C LYS B 96 -23.60 -3.29 -3.38
N VAL B 97 -22.42 -3.86 -3.18
CA VAL B 97 -21.92 -4.93 -4.04
C VAL B 97 -21.02 -5.87 -3.24
N ARG B 98 -20.75 -7.05 -3.80
CA ARG B 98 -19.88 -8.03 -3.15
C ARG B 98 -18.57 -7.97 -3.93
N ARG B 99 -17.46 -8.30 -3.28
CA ARG B 99 -16.17 -8.27 -3.96
C ARG B 99 -16.20 -9.00 -5.30
N GLU B 100 -16.89 -10.13 -5.34
CA GLU B 100 -16.95 -10.93 -6.57
C GLU B 100 -17.76 -10.26 -7.69
N ASP B 101 -18.53 -9.24 -7.36
CA ASP B 101 -19.32 -8.54 -8.37
C ASP B 101 -18.50 -7.44 -9.04
N ILE B 102 -17.38 -7.06 -8.42
CA ILE B 102 -16.52 -6.02 -8.95
C ILE B 102 -15.33 -6.57 -9.69
N PHE B 103 -15.02 -5.95 -10.82
CA PHE B 103 -13.91 -6.36 -11.67
C PHE B 103 -12.90 -5.21 -11.74
N TYR B 104 -11.73 -5.42 -11.14
CA TYR B 104 -10.68 -4.41 -11.16
C TYR B 104 -9.48 -4.88 -11.98
N CYS B 105 -9.00 -4.02 -12.86
CA CYS B 105 -7.85 -4.31 -13.70
C CYS B 105 -6.69 -3.43 -13.28
N GLY B 106 -5.56 -4.07 -12.97
CA GLY B 106 -4.36 -3.36 -12.58
C GLY B 106 -3.33 -3.55 -13.67
N LYS B 107 -2.24 -2.80 -13.63
CA LYS B 107 -1.22 -2.89 -14.68
C LYS B 107 0.24 -2.85 -14.18
N LEU B 108 1.08 -3.68 -14.80
CA LEU B 108 2.50 -3.76 -14.47
C LEU B 108 3.25 -2.80 -15.38
N TRP B 109 3.81 -1.73 -14.82
CA TRP B 109 4.52 -0.74 -15.62
C TRP B 109 5.88 -1.21 -16.12
N ALA B 110 6.32 -0.61 -17.24
CA ALA B 110 7.59 -0.94 -17.88
C ALA B 110 8.80 -1.08 -16.95
N THR B 111 8.88 -0.25 -15.92
CA THR B 111 10.00 -0.31 -14.99
C THR B 111 9.96 -1.54 -14.07
N ASN B 112 8.93 -2.37 -14.21
CA ASN B 112 8.79 -3.56 -13.37
C ASN B 112 8.71 -4.88 -14.14
N HIS B 113 9.37 -4.94 -15.29
CA HIS B 113 9.35 -6.15 -16.12
C HIS B 113 10.32 -7.25 -15.69
N VAL B 114 11.34 -6.91 -14.90
CA VAL B 114 12.27 -7.92 -14.44
C VAL B 114 11.45 -8.94 -13.67
N PRO B 115 11.61 -10.23 -14.00
CA PRO B 115 10.87 -11.30 -13.33
C PRO B 115 10.75 -11.15 -11.82
N GLU B 116 11.90 -11.01 -11.17
CA GLU B 116 11.95 -10.86 -9.72
C GLU B 116 11.03 -9.78 -9.18
N MET B 117 10.81 -8.73 -9.96
CA MET B 117 9.96 -7.62 -9.52
C MET B 117 8.45 -7.73 -9.80
N VAL B 118 8.04 -8.67 -10.64
CA VAL B 118 6.62 -8.80 -10.97
C VAL B 118 5.69 -9.00 -9.77
N ARG B 119 5.90 -10.05 -8.97
CA ARG B 119 5.01 -10.29 -7.83
C ARG B 119 5.06 -9.17 -6.79
N PRO B 120 6.26 -8.66 -6.48
CA PRO B 120 6.38 -7.58 -5.49
C PRO B 120 5.60 -6.33 -5.93
N THR B 121 5.56 -6.09 -7.24
CA THR B 121 4.84 -4.93 -7.77
C THR B 121 3.33 -5.17 -7.61
N LEU B 122 2.88 -6.39 -7.91
CA LEU B 122 1.47 -6.72 -7.79
C LEU B 122 1.05 -6.65 -6.33
N GLU B 123 1.91 -7.10 -5.42
CA GLU B 123 1.59 -7.06 -4.00
C GLU B 123 1.49 -5.62 -3.51
N ARG B 124 2.31 -4.73 -4.07
CA ARG B 124 2.24 -3.33 -3.68
C ARG B 124 0.86 -2.78 -4.03
N THR B 125 0.36 -3.11 -5.22
CA THR B 125 -0.95 -2.67 -5.67
C THR B 125 -2.04 -3.24 -4.76
N LEU B 126 -1.82 -4.43 -4.24
CA LEU B 126 -2.82 -5.04 -3.35
C LEU B 126 -2.81 -4.31 -2.02
N ARG B 127 -1.63 -3.85 -1.58
CA ARG B 127 -1.54 -3.10 -0.33
C ARG B 127 -2.26 -1.77 -0.52
N VAL B 128 -2.01 -1.16 -1.67
CA VAL B 128 -2.61 0.11 -2.02
C VAL B 128 -4.13 -0.03 -2.08
N LEU B 129 -4.60 -1.11 -2.71
CA LEU B 129 -6.03 -1.38 -2.83
C LEU B 129 -6.65 -1.90 -1.54
N GLN B 130 -5.84 -2.62 -0.75
CA GLN B 130 -6.30 -3.23 0.49
C GLN B 130 -7.29 -4.34 0.10
N LEU B 131 -6.94 -5.07 -0.95
CA LEU B 131 -7.72 -6.19 -1.46
C LEU B 131 -6.80 -7.40 -1.55
N ASP B 132 -7.37 -8.60 -1.63
CA ASP B 132 -6.55 -9.82 -1.69
C ASP B 132 -6.12 -10.23 -3.10
N TYR B 133 -6.83 -9.75 -4.11
CA TYR B 133 -6.48 -10.08 -5.49
C TYR B 133 -7.05 -9.06 -6.45
N VAL B 134 -6.57 -9.08 -7.69
CA VAL B 134 -7.07 -8.21 -8.73
C VAL B 134 -7.71 -9.14 -9.74
N ASP B 135 -8.74 -8.66 -10.42
CA ASP B 135 -9.43 -9.48 -11.39
C ASP B 135 -8.62 -9.66 -12.66
N LEU B 136 -7.91 -8.60 -13.05
CA LEU B 136 -7.10 -8.63 -14.26
C LEU B 136 -5.80 -7.85 -14.04
N TYR B 137 -4.68 -8.46 -14.40
CA TYR B 137 -3.39 -7.80 -14.26
C TYR B 137 -2.72 -7.91 -15.62
N ILE B 138 -2.36 -6.78 -16.21
CA ILE B 138 -1.76 -6.80 -17.53
C ILE B 138 -0.43 -6.07 -17.64
N ILE B 139 0.41 -6.50 -18.58
CA ILE B 139 1.68 -5.84 -18.82
C ILE B 139 1.28 -4.55 -19.53
N GLU B 140 1.51 -3.43 -18.86
CA GLU B 140 1.12 -2.11 -19.36
C GLU B 140 1.61 -1.78 -20.77
N VAL B 141 2.88 -2.08 -21.06
CA VAL B 141 3.47 -1.86 -22.38
C VAL B 141 4.47 -2.99 -22.59
N PRO B 142 4.74 -3.34 -23.85
CA PRO B 142 5.71 -4.42 -24.14
C PRO B 142 7.16 -3.96 -23.99
N MET B 143 7.36 -2.67 -23.73
CA MET B 143 8.69 -2.09 -23.56
C MET B 143 9.20 -2.13 -22.13
N ALA B 144 10.40 -2.68 -21.94
CA ALA B 144 10.97 -2.76 -20.61
C ALA B 144 11.87 -1.55 -20.34
N PHE B 145 11.59 -0.83 -19.26
CA PHE B 145 12.37 0.34 -18.88
C PHE B 145 13.30 -0.06 -17.73
N LYS B 146 14.32 0.76 -17.49
CA LYS B 146 15.28 0.48 -16.42
C LYS B 146 14.57 0.31 -15.08
N PRO B 147 14.89 -0.78 -14.36
CA PRO B 147 14.27 -1.04 -13.05
C PRO B 147 14.52 0.15 -12.12
N GLY B 148 13.59 0.39 -11.19
CA GLY B 148 13.76 1.48 -10.27
C GLY B 148 12.43 2.01 -9.76
N ASP B 149 12.50 2.98 -8.86
CA ASP B 149 11.31 3.57 -8.26
C ASP B 149 10.70 4.63 -9.19
N GLU B 150 11.54 5.27 -10.01
CA GLU B 150 11.07 6.28 -10.94
C GLU B 150 10.43 5.62 -12.15
N ILE B 151 9.15 5.92 -12.40
CA ILE B 151 8.44 5.34 -13.52
C ILE B 151 8.84 5.90 -14.88
N TYR B 152 9.43 7.08 -14.89
CA TYR B 152 9.87 7.71 -16.14
C TYR B 152 11.35 8.05 -16.01
N PRO B 153 12.20 7.00 -15.97
CA PRO B 153 13.65 7.16 -15.83
C PRO B 153 14.37 7.70 -17.06
N ARG B 154 15.16 8.74 -16.84
CA ARG B 154 15.95 9.36 -17.91
C ARG B 154 17.28 9.79 -17.28
N ASP B 155 18.35 9.76 -18.06
CA ASP B 155 19.65 10.15 -17.54
C ASP B 155 19.80 11.67 -17.54
N GLU B 156 20.98 12.16 -17.17
CA GLU B 156 21.22 13.60 -17.11
C GLU B 156 20.96 14.33 -18.41
N ASN B 157 21.05 13.62 -19.54
CA ASN B 157 20.83 14.24 -20.83
C ASN B 157 19.39 14.08 -21.32
N GLY B 158 18.51 13.59 -20.45
CA GLY B 158 17.12 13.39 -20.82
C GLY B 158 16.86 12.11 -21.58
N LYS B 159 17.92 11.35 -21.87
CA LYS B 159 17.77 10.09 -22.60
C LYS B 159 17.00 9.07 -21.78
N TRP B 160 15.97 8.47 -22.38
CA TRP B 160 15.16 7.46 -21.70
C TRP B 160 15.96 6.21 -21.35
N LEU B 161 15.87 5.79 -20.10
CA LEU B 161 16.59 4.61 -19.63
C LEU B 161 15.77 3.33 -19.81
N TYR B 162 16.22 2.50 -20.74
CA TYR B 162 15.54 1.25 -21.05
C TYR B 162 16.22 0.05 -20.42
N HIS B 163 15.65 -1.11 -20.70
CA HIS B 163 16.16 -2.38 -20.21
C HIS B 163 15.86 -3.38 -21.32
N LYS B 164 16.63 -4.47 -21.35
CA LYS B 164 16.42 -5.49 -22.37
C LYS B 164 15.11 -6.21 -22.11
N SER B 165 14.14 -6.09 -23.01
CA SER B 165 12.86 -6.74 -22.81
C SER B 165 12.99 -8.25 -22.95
N ASN B 166 12.19 -8.97 -22.17
CA ASN B 166 12.13 -10.42 -22.22
C ASN B 166 10.70 -10.70 -21.80
N LEU B 167 9.78 -10.58 -22.76
CA LEU B 167 8.37 -10.78 -22.48
C LEU B 167 8.05 -12.17 -21.98
N CYS B 168 8.74 -13.18 -22.50
CA CYS B 168 8.51 -14.56 -22.06
C CYS B 168 8.82 -14.73 -20.58
N ALA B 169 9.93 -14.17 -20.13
CA ALA B 169 10.31 -14.27 -18.73
C ALA B 169 9.34 -13.45 -17.86
N THR B 170 8.91 -12.31 -18.38
CA THR B 170 7.98 -11.45 -17.65
C THR B 170 6.63 -12.17 -17.56
N TRP B 171 6.23 -12.82 -18.66
CA TRP B 171 4.96 -13.52 -18.66
C TRP B 171 4.98 -14.68 -17.68
N GLU B 172 6.12 -15.35 -17.56
CA GLU B 172 6.21 -16.48 -16.63
C GLU B 172 6.02 -16.00 -15.20
N ALA B 173 6.53 -14.81 -14.89
CA ALA B 173 6.38 -14.27 -13.54
C ALA B 173 4.92 -13.89 -13.33
N MET B 174 4.25 -13.46 -14.40
CA MET B 174 2.85 -13.09 -14.30
C MET B 174 2.03 -14.35 -13.99
N GLU B 175 2.31 -15.43 -14.73
CA GLU B 175 1.61 -16.70 -14.55
C GLU B 175 1.79 -17.20 -13.12
N ALA B 176 2.96 -16.93 -12.55
CA ALA B 176 3.24 -17.34 -11.19
C ALA B 176 2.32 -16.59 -10.24
N CYS B 177 2.01 -15.34 -10.57
CA CYS B 177 1.12 -14.55 -9.72
C CYS B 177 -0.30 -15.11 -9.72
N LYS B 178 -0.77 -15.59 -10.87
CA LYS B 178 -2.12 -16.15 -10.94
C LYS B 178 -2.16 -17.45 -10.12
N ASP B 179 -1.14 -18.29 -10.25
CA ASP B 179 -1.09 -19.54 -9.50
C ASP B 179 -1.05 -19.25 -8.00
N ALA B 180 -0.49 -18.10 -7.63
CA ALA B 180 -0.41 -17.74 -6.22
C ALA B 180 -1.76 -17.21 -5.74
N GLY B 181 -2.70 -17.05 -6.67
CA GLY B 181 -4.03 -16.57 -6.34
C GLY B 181 -4.13 -15.07 -6.11
N LEU B 182 -3.15 -14.31 -6.60
CA LEU B 182 -3.15 -12.87 -6.41
C LEU B 182 -3.86 -12.11 -7.56
N VAL B 183 -4.21 -12.85 -8.61
CA VAL B 183 -4.87 -12.28 -9.77
C VAL B 183 -5.68 -13.38 -10.47
N LYS B 184 -6.88 -13.03 -10.95
CA LYS B 184 -7.75 -14.00 -11.61
C LYS B 184 -7.42 -14.27 -13.08
N SER B 185 -7.16 -13.20 -13.83
CA SER B 185 -6.86 -13.33 -15.25
C SER B 185 -5.65 -12.48 -15.64
N LEU B 186 -4.89 -12.96 -16.62
CA LEU B 186 -3.71 -12.27 -17.10
C LEU B 186 -3.89 -11.74 -18.51
N GLY B 187 -3.37 -10.54 -18.75
CA GLY B 187 -3.48 -9.95 -20.07
C GLY B 187 -2.33 -9.01 -20.39
N VAL B 188 -2.45 -8.27 -21.48
CA VAL B 188 -1.42 -7.33 -21.89
C VAL B 188 -2.03 -6.04 -22.41
N SER B 189 -1.17 -5.07 -22.70
CA SER B 189 -1.63 -3.78 -23.19
C SER B 189 -0.59 -3.17 -24.13
N ASN B 190 -1.07 -2.56 -25.21
CA ASN B 190 -0.20 -1.95 -26.20
C ASN B 190 0.70 -2.97 -26.92
N PHE B 191 0.22 -4.22 -27.00
CA PHE B 191 0.97 -5.29 -27.66
C PHE B 191 0.56 -5.40 -29.14
N ASN B 192 1.53 -5.59 -30.03
CA ASN B 192 1.19 -5.74 -31.44
C ASN B 192 1.13 -7.23 -31.77
N ARG B 193 0.81 -7.58 -33.01
CA ARG B 193 0.69 -8.99 -33.37
C ARG B 193 1.93 -9.81 -33.01
N ARG B 194 3.10 -9.37 -33.46
CA ARG B 194 4.33 -10.09 -33.18
C ARG B 194 4.53 -10.32 -31.68
N GLN B 195 4.28 -9.29 -30.89
CA GLN B 195 4.46 -9.38 -29.44
C GLN B 195 3.48 -10.37 -28.81
N LEU B 196 2.24 -10.37 -29.27
CA LEU B 196 1.26 -11.31 -28.75
C LEU B 196 1.67 -12.74 -29.12
N GLU B 197 2.13 -12.93 -30.36
CA GLU B 197 2.52 -14.25 -30.81
C GLU B 197 3.73 -14.81 -30.07
N LEU B 198 4.61 -13.91 -29.61
CA LEU B 198 5.77 -14.35 -28.86
C LEU B 198 5.29 -15.10 -27.62
N ILE B 199 4.23 -14.60 -27.00
CA ILE B 199 3.65 -15.23 -25.81
C ILE B 199 2.83 -16.47 -26.20
N LEU B 200 1.96 -16.31 -27.19
CA LEU B 200 1.10 -17.40 -27.66
C LEU B 200 1.86 -18.66 -28.09
N ASN B 201 3.01 -18.48 -28.75
CA ASN B 201 3.79 -19.61 -29.21
C ASN B 201 4.88 -20.03 -28.23
N LYS B 202 4.89 -19.43 -27.05
CA LYS B 202 5.89 -19.72 -26.04
C LYS B 202 5.86 -21.18 -25.56
N PRO B 203 7.04 -21.80 -25.43
CA PRO B 203 7.14 -23.18 -24.96
C PRO B 203 6.81 -23.24 -23.48
N GLY B 204 5.82 -24.05 -23.11
CA GLY B 204 5.46 -24.16 -21.71
C GLY B 204 4.39 -23.20 -21.26
N LEU B 205 3.79 -22.48 -22.20
CA LEU B 205 2.74 -21.52 -21.88
C LEU B 205 1.72 -22.16 -20.96
N LYS B 206 1.47 -21.55 -19.80
CA LYS B 206 0.50 -22.06 -18.86
C LYS B 206 -0.79 -21.26 -18.89
N HIS B 207 -0.69 -19.95 -18.79
CA HIS B 207 -1.85 -19.08 -18.81
C HIS B 207 -1.76 -18.12 -20.00
N LYS B 208 -2.58 -18.37 -21.01
CA LYS B 208 -2.60 -17.55 -22.21
C LYS B 208 -3.22 -16.18 -21.92
N PRO B 209 -2.74 -15.12 -22.61
CA PRO B 209 -3.28 -13.77 -22.41
C PRO B 209 -4.77 -13.75 -22.78
N VAL B 210 -5.61 -13.26 -21.87
CA VAL B 210 -7.04 -13.22 -22.15
C VAL B 210 -7.50 -11.88 -22.68
N SER B 211 -6.63 -10.87 -22.60
CA SER B 211 -6.98 -9.53 -23.04
C SER B 211 -5.81 -8.67 -23.51
N ASN B 212 -6.08 -7.79 -24.46
CA ASN B 212 -5.07 -6.88 -24.98
C ASN B 212 -5.73 -5.51 -25.00
N GLN B 213 -5.31 -4.62 -24.09
CA GLN B 213 -5.88 -3.28 -24.00
C GLN B 213 -5.12 -2.32 -24.90
N VAL B 214 -5.79 -1.82 -25.94
CA VAL B 214 -5.16 -0.91 -26.88
C VAL B 214 -6.11 0.25 -27.21
N GLU B 215 -5.56 1.33 -27.76
CA GLU B 215 -6.37 2.48 -28.13
C GLU B 215 -7.35 1.99 -29.21
N CYS B 216 -8.63 2.31 -29.07
CA CYS B 216 -9.61 1.88 -30.04
C CYS B 216 -10.88 2.73 -29.99
N HIS B 217 -11.27 3.24 -31.15
CA HIS B 217 -12.45 4.08 -31.31
C HIS B 217 -12.69 4.27 -32.82
N PRO B 218 -13.75 4.99 -33.21
CA PRO B 218 -14.01 5.18 -34.64
C PRO B 218 -12.90 5.75 -35.52
N TYR B 219 -11.94 6.48 -34.95
CA TYR B 219 -10.85 7.00 -35.78
C TYR B 219 -9.69 6.03 -35.87
N PHE B 220 -9.68 5.05 -34.97
CA PHE B 220 -8.63 4.03 -34.95
C PHE B 220 -9.32 2.74 -34.51
N THR B 221 -10.04 2.13 -35.45
CA THR B 221 -10.82 0.92 -35.21
C THR B 221 -10.08 -0.39 -35.01
N GLN B 222 -8.78 -0.42 -35.29
CA GLN B 222 -8.00 -1.64 -35.10
C GLN B 222 -8.55 -2.85 -35.86
N PRO B 223 -8.75 -2.72 -37.18
CA PRO B 223 -9.28 -3.83 -37.99
C PRO B 223 -8.49 -5.14 -37.95
N LYS B 224 -7.21 -5.08 -38.26
CA LYS B 224 -6.42 -6.31 -38.29
C LYS B 224 -6.06 -6.88 -36.92
N LEU B 225 -5.72 -6.01 -35.97
CA LEU B 225 -5.38 -6.50 -34.64
C LEU B 225 -6.60 -7.13 -33.97
N LEU B 226 -7.78 -6.54 -34.17
CA LEU B 226 -8.99 -7.09 -33.59
C LEU B 226 -9.26 -8.47 -34.20
N LYS B 227 -9.18 -8.55 -35.51
CA LYS B 227 -9.42 -9.82 -36.20
C LYS B 227 -8.47 -10.86 -35.64
N PHE B 228 -7.19 -10.51 -35.53
CA PHE B 228 -6.19 -11.42 -34.99
C PHE B 228 -6.55 -11.84 -33.56
N CYS B 229 -6.93 -10.88 -32.72
CA CYS B 229 -7.27 -11.22 -31.35
C CYS B 229 -8.49 -12.14 -31.26
N GLN B 230 -9.49 -11.91 -32.10
CA GLN B 230 -10.69 -12.76 -32.09
C GLN B 230 -10.31 -14.19 -32.48
N GLN B 231 -9.40 -14.35 -33.43
CA GLN B 231 -8.97 -15.68 -33.88
C GLN B 231 -8.24 -16.44 -32.79
N HIS B 232 -7.69 -15.71 -31.83
CA HIS B 232 -6.96 -16.33 -30.73
C HIS B 232 -7.67 -16.21 -29.40
N ASP B 233 -8.98 -15.95 -29.46
CA ASP B 233 -9.81 -15.82 -28.27
C ASP B 233 -9.27 -14.80 -27.28
N ILE B 234 -8.79 -13.68 -27.82
CA ILE B 234 -8.27 -12.60 -26.99
C ILE B 234 -9.25 -11.44 -27.11
N VAL B 235 -9.76 -10.99 -25.99
CA VAL B 235 -10.71 -9.88 -25.98
C VAL B 235 -9.96 -8.55 -25.98
N ILE B 236 -10.37 -7.65 -26.86
CA ILE B 236 -9.73 -6.36 -26.89
C ILE B 236 -10.46 -5.39 -25.97
N THR B 237 -9.71 -4.66 -25.16
CA THR B 237 -10.28 -3.64 -24.29
C THR B 237 -9.82 -2.33 -24.94
N ALA B 238 -10.78 -1.50 -25.32
CA ALA B 238 -10.48 -0.23 -25.96
C ALA B 238 -10.19 0.87 -24.96
N TYR B 239 -8.97 1.33 -24.94
CA TYR B 239 -8.62 2.41 -24.05
C TYR B 239 -8.78 3.71 -24.83
N SER B 240 -9.02 4.82 -24.10
CA SER B 240 -9.27 6.09 -24.77
C SER B 240 -10.42 5.87 -25.77
N PRO B 241 -11.50 5.18 -25.32
CA PRO B 241 -12.64 4.91 -26.20
C PRO B 241 -13.40 6.15 -26.66
N LEU B 242 -13.18 7.27 -25.99
CA LEU B 242 -13.85 8.51 -26.38
C LEU B 242 -12.88 9.47 -27.07
N GLY B 243 -11.71 8.98 -27.48
CA GLY B 243 -10.75 9.83 -28.17
C GLY B 243 -9.78 10.62 -27.31
N THR B 244 -9.67 10.25 -26.04
CA THR B 244 -8.78 10.89 -25.06
C THR B 244 -9.24 12.27 -24.63
N SER B 245 -8.58 12.81 -23.61
CA SER B 245 -8.92 14.14 -23.09
C SER B 245 -8.34 15.22 -23.99
N ARG B 246 -7.54 14.80 -24.98
CA ARG B 246 -6.93 15.72 -25.92
C ARG B 246 -5.99 16.73 -25.24
N ASN B 247 -5.34 16.30 -24.17
CA ASN B 247 -4.40 17.16 -23.46
C ASN B 247 -3.28 17.52 -24.44
N PRO B 248 -3.22 18.80 -24.86
CA PRO B 248 -2.22 19.30 -25.80
C PRO B 248 -0.79 18.98 -25.38
N ILE B 249 -0.61 18.68 -24.10
CA ILE B 249 0.72 18.36 -23.58
C ILE B 249 1.27 17.02 -24.11
N TRP B 250 0.40 16.06 -24.42
CA TRP B 250 0.89 14.76 -24.88
C TRP B 250 0.04 14.00 -25.91
N VAL B 251 -1.16 14.47 -26.20
CA VAL B 251 -2.01 13.78 -27.17
C VAL B 251 -1.76 14.29 -28.59
N ASN B 252 -1.83 13.39 -29.56
CA ASN B 252 -1.66 13.79 -30.95
C ASN B 252 -2.97 14.46 -31.34
N VAL B 253 -3.02 15.78 -31.18
CA VAL B 253 -4.22 16.54 -31.49
C VAL B 253 -4.33 16.92 -32.95
N SER B 254 -3.51 16.32 -33.80
CA SER B 254 -3.55 16.62 -35.23
C SER B 254 -4.89 16.11 -35.74
N SER B 255 -5.42 15.10 -35.06
CA SER B 255 -6.70 14.52 -35.42
C SER B 255 -7.81 15.33 -34.75
N PRO B 256 -8.89 15.65 -35.49
CA PRO B 256 -10.01 16.43 -34.95
C PRO B 256 -10.67 15.74 -33.75
N PRO B 257 -11.36 16.52 -32.90
CA PRO B 257 -12.04 15.96 -31.72
C PRO B 257 -13.06 14.90 -32.11
N LEU B 258 -12.88 13.68 -31.63
CA LEU B 258 -13.79 12.58 -31.97
C LEU B 258 -15.26 12.87 -31.67
N LEU B 259 -15.54 13.35 -30.47
CA LEU B 259 -16.92 13.61 -30.10
C LEU B 259 -17.58 14.74 -30.89
N LYS B 260 -16.81 15.42 -31.73
CA LYS B 260 -17.36 16.50 -32.54
C LYS B 260 -17.60 16.02 -33.96
N ASP B 261 -17.27 14.76 -34.22
CA ASP B 261 -17.45 14.21 -35.56
C ASP B 261 -18.89 14.38 -36.06
N ALA B 262 -19.02 14.93 -37.27
CA ALA B 262 -20.31 15.18 -37.89
C ALA B 262 -21.16 13.92 -37.96
N LEU B 263 -20.62 12.85 -38.53
CA LEU B 263 -21.39 11.62 -38.64
C LEU B 263 -21.84 11.05 -37.30
N LEU B 264 -20.92 10.96 -36.35
CA LEU B 264 -21.24 10.42 -35.03
C LEU B 264 -22.37 11.21 -34.33
N ASN B 265 -22.34 12.53 -34.47
CA ASN B 265 -23.36 13.37 -33.87
C ASN B 265 -24.69 13.17 -34.57
N SER B 266 -24.65 13.00 -35.89
CA SER B 266 -25.86 12.79 -36.67
C SER B 266 -26.50 11.44 -36.30
N LEU B 267 -25.68 10.42 -36.13
CA LEU B 267 -26.19 9.11 -35.74
C LEU B 267 -26.79 9.23 -34.35
N GLY B 268 -26.15 10.03 -33.50
CA GLY B 268 -26.68 10.22 -32.16
C GLY B 268 -28.09 10.76 -32.17
N LYS B 269 -28.35 11.71 -33.08
CA LYS B 269 -29.69 12.31 -33.19
C LYS B 269 -30.76 11.30 -33.57
N ARG B 270 -30.36 10.19 -34.20
CA ARG B 270 -31.30 9.16 -34.60
C ARG B 270 -31.84 8.40 -33.40
N TYR B 271 -31.09 8.42 -32.30
CA TYR B 271 -31.49 7.70 -31.09
C TYR B 271 -31.55 8.61 -29.86
N ASN B 272 -31.42 9.90 -30.08
CA ASN B 272 -31.43 10.85 -28.97
C ASN B 272 -30.30 10.46 -28.04
N LYS B 273 -29.14 10.17 -28.63
CA LYS B 273 -27.94 9.78 -27.90
C LYS B 273 -26.82 10.76 -28.25
N THR B 274 -25.79 10.84 -27.42
CA THR B 274 -24.66 11.73 -27.70
C THR B 274 -23.64 10.97 -28.55
N ALA B 275 -22.67 11.69 -29.09
CA ALA B 275 -21.64 11.04 -29.89
C ALA B 275 -20.88 10.04 -29.00
N ALA B 276 -20.67 10.42 -27.75
CA ALA B 276 -19.96 9.56 -26.81
C ALA B 276 -20.72 8.24 -26.67
N GLN B 277 -22.03 8.33 -26.51
CA GLN B 277 -22.86 7.14 -26.37
C GLN B 277 -22.82 6.29 -27.64
N ILE B 278 -22.73 6.95 -28.79
CA ILE B 278 -22.66 6.23 -30.06
C ILE B 278 -21.33 5.49 -30.20
N VAL B 279 -20.22 6.16 -29.93
CA VAL B 279 -18.91 5.49 -30.07
C VAL B 279 -18.75 4.34 -29.08
N LEU B 280 -19.29 4.50 -27.88
CA LEU B 280 -19.19 3.44 -26.87
C LEU B 280 -20.03 2.22 -27.29
N ARG B 281 -21.24 2.48 -27.76
CA ARG B 281 -22.13 1.40 -28.21
C ARG B 281 -21.48 0.67 -29.38
N PHE B 282 -20.88 1.45 -30.28
CA PHE B 282 -20.21 0.88 -31.45
C PHE B 282 -19.24 -0.24 -31.06
N ASN B 283 -18.32 0.05 -30.15
CA ASN B 283 -17.36 -0.98 -29.76
C ASN B 283 -17.94 -2.14 -28.95
N ILE B 284 -18.79 -1.87 -27.97
CA ILE B 284 -19.33 -2.97 -27.18
C ILE B 284 -20.19 -3.88 -28.04
N GLN B 285 -20.81 -3.30 -29.07
CA GLN B 285 -21.68 -4.09 -29.93
C GLN B 285 -20.90 -5.10 -30.75
N ARG B 286 -19.60 -4.87 -30.93
CA ARG B 286 -18.78 -5.82 -31.67
C ARG B 286 -17.87 -6.61 -30.74
N GLY B 287 -18.26 -6.68 -29.46
CA GLY B 287 -17.51 -7.43 -28.48
C GLY B 287 -16.22 -6.83 -27.97
N VAL B 288 -16.10 -5.51 -28.11
CA VAL B 288 -14.90 -4.80 -27.65
C VAL B 288 -15.22 -4.09 -26.33
N VAL B 289 -14.46 -4.43 -25.29
CA VAL B 289 -14.64 -3.83 -23.99
C VAL B 289 -14.25 -2.34 -24.07
N VAL B 290 -15.02 -1.47 -23.44
CA VAL B 290 -14.71 -0.04 -23.44
C VAL B 290 -14.55 0.43 -22.01
N ILE B 291 -13.54 1.26 -21.75
CA ILE B 291 -13.30 1.76 -20.41
C ILE B 291 -13.20 3.28 -20.38
N PRO B 292 -14.29 3.96 -20.75
CA PRO B 292 -14.27 5.43 -20.76
C PRO B 292 -14.02 6.03 -19.38
N LYS B 293 -13.19 7.06 -19.32
CA LYS B 293 -12.92 7.72 -18.07
C LYS B 293 -13.72 9.01 -17.95
N SER B 294 -14.32 9.23 -16.77
CA SER B 294 -15.07 10.45 -16.49
C SER B 294 -15.13 10.65 -14.98
N PHE B 295 -14.78 11.85 -14.53
CA PHE B 295 -14.85 12.17 -13.12
C PHE B 295 -15.97 13.20 -12.98
N ASN B 296 -16.90 13.15 -13.91
CA ASN B 296 -18.04 14.06 -13.92
C ASN B 296 -19.34 13.29 -13.73
N LEU B 297 -20.04 13.61 -12.65
CA LEU B 297 -21.30 12.99 -12.28
C LEU B 297 -22.24 12.66 -13.46
N GLU B 298 -22.63 13.66 -14.22
CA GLU B 298 -23.53 13.42 -15.35
C GLU B 298 -22.95 12.62 -16.51
N ARG B 299 -21.68 12.85 -16.85
CA ARG B 299 -21.07 12.11 -17.95
C ARG B 299 -20.82 10.64 -17.58
N ILE B 300 -20.51 10.38 -16.32
CA ILE B 300 -20.28 9.00 -15.88
C ILE B 300 -21.59 8.24 -16.13
N LYS B 301 -22.70 8.88 -15.81
CA LYS B 301 -24.00 8.26 -16.02
C LYS B 301 -24.33 8.18 -17.51
N GLU B 302 -24.05 9.27 -18.24
CA GLU B 302 -24.31 9.31 -19.67
C GLU B 302 -23.63 8.17 -20.41
N ASN B 303 -22.36 7.93 -20.10
CA ASN B 303 -21.60 6.89 -20.75
C ASN B 303 -22.14 5.48 -20.50
N PHE B 304 -22.86 5.30 -19.39
CA PHE B 304 -23.39 3.97 -19.06
C PHE B 304 -24.73 3.68 -19.79
N GLN B 305 -25.39 4.74 -20.28
CA GLN B 305 -26.67 4.59 -20.97
C GLN B 305 -26.50 4.09 -22.40
N ILE B 306 -25.96 2.88 -22.55
CA ILE B 306 -25.74 2.33 -23.88
C ILE B 306 -26.33 0.93 -24.06
N PHE B 307 -27.34 0.61 -23.28
CA PHE B 307 -27.98 -0.72 -23.38
C PHE B 307 -29.47 -0.61 -23.73
N ASP B 308 -29.95 0.60 -24.00
CA ASP B 308 -31.35 0.80 -24.33
C ASP B 308 -31.57 1.08 -25.82
N PHE B 309 -30.53 0.84 -26.62
CA PHE B 309 -30.61 1.01 -28.07
C PHE B 309 -29.47 0.24 -28.68
N SER B 310 -29.47 0.12 -29.99
CA SER B 310 -28.40 -0.58 -30.71
C SER B 310 -28.21 0.10 -32.04
N LEU B 311 -27.07 -0.19 -32.67
CA LEU B 311 -26.76 0.38 -33.97
C LEU B 311 -27.10 -0.67 -35.02
N THR B 312 -27.73 -0.23 -36.10
CA THR B 312 -28.09 -1.15 -37.17
C THR B 312 -26.79 -1.61 -37.82
N GLU B 313 -26.83 -2.70 -38.57
CA GLU B 313 -25.64 -3.21 -39.23
C GLU B 313 -25.05 -2.16 -40.18
N GLU B 314 -25.93 -1.36 -40.77
CA GLU B 314 -25.54 -0.30 -41.69
C GLU B 314 -24.77 0.77 -40.93
N GLU B 315 -25.30 1.16 -39.78
CA GLU B 315 -24.65 2.19 -38.98
C GLU B 315 -23.29 1.72 -38.48
N MET B 316 -23.18 0.43 -38.13
CA MET B 316 -21.90 -0.12 -37.68
C MET B 316 -20.90 0.05 -38.82
N LYS B 317 -21.36 -0.14 -40.05
CA LYS B 317 -20.48 0.03 -41.19
C LYS B 317 -20.13 1.52 -41.38
N ASP B 318 -21.09 2.40 -41.12
CA ASP B 318 -20.85 3.84 -41.25
C ASP B 318 -19.75 4.29 -40.31
N ILE B 319 -19.77 3.73 -39.11
CA ILE B 319 -18.78 4.08 -38.09
C ILE B 319 -17.43 3.45 -38.39
N GLU B 320 -17.43 2.24 -38.91
CA GLU B 320 -16.18 1.56 -39.26
C GLU B 320 -15.42 2.37 -40.32
N ALA B 321 -16.18 3.05 -41.17
CA ALA B 321 -15.61 3.83 -42.27
C ALA B 321 -14.93 5.11 -41.83
N LEU B 322 -15.11 5.49 -40.57
CA LEU B 322 -14.50 6.70 -40.06
C LEU B 322 -13.03 6.45 -39.73
N ASN B 323 -12.63 5.19 -39.71
CA ASN B 323 -11.26 4.81 -39.40
C ASN B 323 -10.24 5.63 -40.19
N LYS B 324 -9.39 6.36 -39.48
CA LYS B 324 -8.37 7.20 -40.12
C LYS B 324 -7.00 6.54 -40.03
N ASN B 325 -6.90 5.48 -39.24
CA ASN B 325 -5.63 4.81 -39.03
C ASN B 325 -4.62 5.81 -38.45
N VAL B 326 -5.13 6.69 -37.58
CA VAL B 326 -4.30 7.68 -36.91
C VAL B 326 -4.54 7.56 -35.41
N ARG B 327 -3.47 7.34 -34.66
CA ARG B 327 -3.57 7.20 -33.20
C ARG B 327 -3.52 8.54 -32.47
N PHE B 328 -4.27 8.64 -31.38
CA PHE B 328 -4.22 9.84 -30.55
C PHE B 328 -3.07 9.62 -29.58
N VAL B 329 -2.76 8.35 -29.31
CA VAL B 329 -1.70 7.98 -28.37
C VAL B 329 -0.57 7.30 -29.13
N GLU B 330 0.44 8.08 -29.50
CA GLU B 330 1.57 7.58 -30.27
C GLU B 330 2.80 7.20 -29.48
N LEU B 331 2.98 7.80 -28.31
CA LEU B 331 4.14 7.50 -27.48
C LEU B 331 5.41 7.70 -28.31
N LEU B 332 5.45 8.78 -29.07
CA LEU B 332 6.59 9.04 -29.93
C LEU B 332 7.95 9.08 -29.24
N MET B 333 7.98 9.53 -27.98
CA MET B 333 9.25 9.59 -27.26
C MET B 333 9.91 8.23 -27.08
N TRP B 334 9.14 7.15 -27.23
CA TRP B 334 9.71 5.82 -27.06
C TRP B 334 9.83 5.02 -28.35
N ARG B 335 9.77 5.70 -29.50
CA ARG B 335 9.85 4.99 -30.77
C ARG B 335 11.22 4.35 -31.04
N ASP B 336 12.22 4.69 -30.23
CA ASP B 336 13.56 4.14 -30.40
C ASP B 336 13.77 2.87 -29.56
N HIS B 337 12.76 2.49 -28.80
CA HIS B 337 12.84 1.29 -27.98
C HIS B 337 12.68 0.08 -28.89
N PRO B 338 13.54 -0.92 -28.74
CA PRO B 338 13.47 -2.13 -29.57
C PRO B 338 12.06 -2.72 -29.65
N GLU B 339 11.30 -2.66 -28.56
CA GLU B 339 9.94 -3.21 -28.55
C GLU B 339 8.81 -2.19 -28.71
N TYR B 340 9.11 -1.05 -29.34
CA TYR B 340 8.08 -0.04 -29.59
C TYR B 340 7.08 -0.81 -30.43
N PRO B 341 5.81 -0.86 -29.98
CA PRO B 341 4.77 -1.60 -30.69
C PRO B 341 4.10 -1.01 -31.92
N PHE B 342 4.27 0.29 -32.15
CA PHE B 342 3.58 0.93 -33.27
C PHE B 342 4.29 1.08 -34.62
N HIS B 343 5.44 0.44 -34.79
CA HIS B 343 6.14 0.52 -36.09
C HIS B 343 5.43 -0.43 -37.07
N ASP B 344 5.12 -1.63 -36.59
CA ASP B 344 4.45 -2.63 -37.41
C ASP B 344 3.05 -2.17 -37.80
N GLU B 345 2.55 -2.69 -38.92
CA GLU B 345 1.22 -2.33 -39.39
C GLU B 345 0.21 -2.57 -38.27
N TYR B 346 0.35 -3.70 -37.58
CA TYR B 346 -0.55 -4.03 -36.46
C TYR B 346 0.08 -5.14 -35.62
PA NAP C . 13.50 -2.90 28.11
O1A NAP C . 12.51 -2.62 29.09
O2A NAP C . 13.17 -3.78 26.96
O5B NAP C . 14.83 -3.42 28.89
C5B NAP C . 15.94 -3.67 28.35
C4B NAP C . 17.11 -3.95 29.30
O4B NAP C . 16.77 -5.16 29.91
C3B NAP C . 18.48 -4.24 28.60
O3B NAP C . 19.47 -3.70 29.48
C2B NAP C . 18.53 -5.76 28.48
O2B NAP C . 19.90 -6.23 28.46
C1B NAP C . 17.77 -6.21 29.72
N9A NAP C . 16.98 -7.45 29.64
C8A NAP C . 16.33 -7.96 28.54
N7A NAP C . 15.68 -9.15 28.84
C5A NAP C . 15.98 -9.31 30.15
C6A NAP C . 15.56 -10.44 31.06
N6A NAP C . 14.82 -11.49 30.80
N1A NAP C . 16.05 -10.32 32.42
C2A NAP C . 16.85 -9.26 32.87
N3A NAP C . 17.21 -8.26 32.03
C4A NAP C . 16.77 -8.28 30.63
O3 NAP C . 13.83 -1.53 27.38
PN NAP C . 14.00 -0.62 26.17
O1N NAP C . 14.09 0.71 26.60
O2N NAP C . 15.12 -1.22 25.36
O5D NAP C . 12.73 -0.98 25.56
C5D NAP C . 12.28 -1.91 24.55
C4D NAP C . 12.26 -1.47 23.13
O4D NAP C . 11.24 -0.43 23.05
C3D NAP C . 13.51 -0.67 22.60
O3D NAP C . 14.71 -1.47 22.49
C2D NAP C . 12.85 0.00 21.39
O2D NAP C . 12.74 -0.99 20.33
C1D NAP C . 11.54 0.51 21.99
N1N NAP C . 11.50 1.86 22.67
C2N NAP C . 10.75 2.89 22.04
C3N NAP C . 10.74 4.21 22.61
C7N NAP C . 9.92 5.32 21.93
O7N NAP C . 9.92 6.45 22.41
N7N NAP C . 9.29 4.87 20.84
C4N NAP C . 11.48 4.49 23.83
C5N NAP C . 12.27 3.47 24.50
C6N NAP C . 12.26 2.19 23.93
P2B NAP C . 20.41 -7.35 27.40
O1X NAP C . 20.20 -6.82 25.99
O2X NAP C . 21.87 -7.53 27.75
O3X NAP C . 19.53 -8.59 27.62
PA NAP D . -11.19 8.72 -22.88
O1A NAP D . -11.19 8.49 -24.27
O2A NAP D . -11.88 7.77 -21.97
O5B NAP D . -11.69 10.27 -22.65
C5B NAP D . -11.68 10.91 -21.57
C4B NAP D . -11.97 12.42 -21.69
O4B NAP D . -13.31 12.49 -22.12
C3B NAP D . -11.94 13.23 -20.37
O3B NAP D . -11.45 14.52 -20.72
C2B NAP D . -13.40 13.25 -19.92
O2B NAP D . -13.68 14.41 -19.12
C1B NAP D . -14.16 13.26 -21.24
N9A NAP D . -15.46 12.59 -21.27
C8A NAP D . -15.82 11.43 -20.60
N7A NAP D . -17.13 11.08 -20.86
C5A NAP D . -17.53 12.06 -21.69
C6A NAP D . -18.88 12.25 -22.32
N6A NAP D . -19.94 11.52 -22.21
N1A NAP D . -18.99 13.41 -23.17
C2A NAP D . -17.96 14.32 -23.40
N3A NAP D . -16.74 14.13 -22.83
C4A NAP D . -16.52 12.98 -21.94
O3 NAP D . -9.68 8.58 -22.40
PN NAP D . -8.58 7.99 -21.52
O1N NAP D . -7.32 8.24 -22.10
O2N NAP D . -8.86 8.50 -20.14
O5D NAP D . -9.06 6.62 -21.59
C5D NAP D . -9.82 5.75 -20.77
C4D NAP D . -9.12 4.92 -19.74
O4D NAP D . -8.26 4.00 -20.47
C3D NAP D . -8.03 5.65 -18.86
O3D NAP D . -8.58 6.64 -17.94
C2D NAP D . -7.27 4.40 -18.37
O2D NAP D . -8.06 3.74 -17.34
C1D NAP D . -7.11 3.62 -19.68
N1N NAP D . -5.92 3.93 -20.57
C2N NAP D . -4.93 2.92 -20.69
C3N NAP D . -3.76 3.18 -21.51
C7N NAP D . -2.69 2.09 -21.65
O7N NAP D . -1.70 2.30 -22.33
N7N NAP D . -3.01 0.99 -20.98
C4N NAP D . -3.60 4.46 -22.18
C5N NAP D . -4.59 5.52 -22.08
C6N NAP D . -5.72 5.25 -21.29
P2B NAP D . -14.52 14.29 -17.73
O1X NAP D . -13.77 13.33 -16.81
O2X NAP D . -14.55 15.73 -17.22
O3X NAP D . -15.90 13.72 -18.08
C1 BDT E . 1.60 12.22 -20.21
C2 BDT E . 1.63 12.52 -18.69
C3 BDT E . 3.03 12.36 -18.13
O3 BDT E . 3.55 13.17 -17.37
C4 BDT E . 3.77 11.11 -18.57
C5 BDT E . 3.71 10.82 -20.10
C6 BDT E . 4.44 9.49 -20.46
C7 BDT E . 3.65 8.26 -19.93
C8 BDT E . 2.17 8.23 -20.41
C9 BDT E . 1.44 9.57 -19.99
C10 BDT E . 2.22 10.84 -20.61
C11 BDT E . -0.06 9.52 -20.43
C12 BDT E . -0.80 8.28 -19.84
C13 BDT E . -0.09 6.96 -20.25
C14 BDT E . 1.40 7.04 -19.81
C15 BDT E . 1.87 5.58 -20.05
C16 BDT E . 0.57 4.76 -19.79
C17 BDT E . -0.45 5.69 -19.46
O17 BDT E . -1.74 5.20 -19.80
C18 BDT E . -0.32 6.70 -21.80
C19 BDT E . 2.15 10.81 -22.17
#